data_6IOE
#
_entry.id   6IOE
#
_cell.length_a   241.425
_cell.length_b   72.240
_cell.length_c   109.529
_cell.angle_alpha   90.00
_cell.angle_beta   114.51
_cell.angle_gamma   90.00
#
_symmetry.space_group_name_H-M   'C 1 2 1'
#
_entity_poly.entity_id   1
_entity_poly.type   'polypeptide(L)'
_entity_poly.pdbx_seq_one_letter_code
;TRQFLIYNEDHKRCVDAVSPSAVQTAACNQDAESQKFRWVSESQIMSVAFKLCLGVPSKTDWVAITLYACDSKSEFQKWE
CKNDTLLGIKGEDLFFNYGNRQEKNIMLYKGSGLWSRWKIYGTTDNLCSRGYEAMYTLLGNANGATCAFPFKFENKWYAD
CTSAGRSDGWLWCGTTTDYDTDKLFGYCPLKFEGSESLWNKDPLTSVSYQINSKSALTWHQARKSCQQQNAELLSITEIH
EQTYLTGLTSSLTSGLWIGLNSLSFNSGWQWSDRSPFRYLNWLPGSPSAEPGKSCVSLNPGKNAKWENLECVQKLGYICK
KGNTTLNSFVIPSESDVPTHCPSQWWPYAGHCYKIHRDEKKIQRDALTTCRKEGGDLTSIHTIEELDFIISQLGYEPNDE
LWIGLNDIKIQMYFEWSDGTPVTFTKWLRGEPSHENNRQEDCVVMKGKDGYWADRGCEWPLGYICKMKSHHHHHH
;
_entity_poly.pdbx_strand_id   A,B
#
# COMPACT_ATOMS: atom_id res chain seq x y z
N THR A 1 -14.97 -20.45 9.97
CA THR A 1 -13.77 -21.23 9.76
C THR A 1 -12.94 -21.29 11.04
N ARG A 2 -12.96 -20.21 11.82
CA ARG A 2 -12.21 -20.15 13.07
C ARG A 2 -13.07 -20.02 14.32
N GLN A 3 -14.26 -19.41 14.24
CA GLN A 3 -15.19 -19.43 15.35
C GLN A 3 -15.91 -20.79 15.40
N PHE A 4 -16.43 -21.11 16.59
CA PHE A 4 -17.09 -22.39 16.79
C PHE A 4 -18.01 -22.31 18.01
N LEU A 5 -18.82 -23.35 18.15
CA LEU A 5 -19.78 -23.48 19.23
C LEU A 5 -19.37 -24.66 20.10
N ILE A 6 -19.22 -24.42 21.40
CA ILE A 6 -18.79 -25.47 22.31
C ILE A 6 -20.02 -26.26 22.70
N TYR A 7 -19.90 -27.58 22.77
CA TYR A 7 -21.09 -28.41 22.74
C TYR A 7 -20.83 -29.76 23.40
N ASN A 8 -21.86 -30.26 24.07
CA ASN A 8 -21.80 -31.48 24.87
C ASN A 8 -22.73 -32.49 24.21
N GLU A 9 -22.17 -33.58 23.71
CA GLU A 9 -22.97 -34.62 23.07
C GLU A 9 -24.12 -35.08 23.98
N ASP A 10 -23.82 -35.39 25.24
CA ASP A 10 -24.79 -36.11 26.05
C ASP A 10 -25.97 -35.23 26.43
N HIS A 11 -25.70 -33.99 26.81
CA HIS A 11 -26.74 -33.02 27.15
C HIS A 11 -27.41 -32.41 25.91
N LYS A 12 -26.85 -32.65 24.72
CA LYS A 12 -27.16 -31.97 23.46
C LYS A 12 -27.47 -30.49 23.68
N ARG A 13 -26.57 -29.79 24.37
CA ARG A 13 -26.73 -28.36 24.58
C ARG A 13 -25.36 -27.68 24.57
N CYS A 14 -25.32 -26.51 23.95
CA CYS A 14 -24.08 -25.78 23.70
C CYS A 14 -23.78 -24.80 24.84
N VAL A 15 -22.53 -24.34 24.87
CA VAL A 15 -22.06 -23.42 25.91
C VAL A 15 -22.48 -22.01 25.54
N ASP A 16 -22.95 -21.25 26.53
CA ASP A 16 -23.46 -19.92 26.29
C ASP A 16 -22.88 -18.95 27.31
N ALA A 17 -22.72 -17.70 26.90
CA ALA A 17 -22.22 -16.63 27.76
C ALA A 17 -23.33 -15.59 27.93
N VAL A 18 -23.75 -15.39 29.18
CA VAL A 18 -24.84 -14.47 29.49
C VAL A 18 -24.26 -13.18 30.04
N SER A 19 -23.10 -13.29 30.68
CA SER A 19 -22.49 -12.16 31.38
C SER A 19 -21.03 -12.53 31.69
N PRO A 20 -20.18 -11.55 31.96
CA PRO A 20 -18.85 -11.87 32.48
C PRO A 20 -18.91 -12.64 33.79
N SER A 21 -19.99 -12.44 34.56
CA SER A 21 -20.19 -13.10 35.84
C SER A 21 -20.64 -14.54 35.69
N ALA A 22 -21.31 -14.89 34.58
CA ALA A 22 -21.94 -16.20 34.45
C ALA A 22 -21.74 -16.77 33.06
N VAL A 23 -21.34 -18.04 33.01
CA VAL A 23 -21.20 -18.80 31.77
C VAL A 23 -22.06 -20.04 31.90
N GLN A 24 -23.09 -20.16 31.06
CA GLN A 24 -24.00 -21.30 31.16
C GLN A 24 -24.04 -22.14 29.90
N THR A 25 -25.18 -22.80 29.70
CA THR A 25 -25.45 -23.58 28.50
C THR A 25 -26.89 -23.31 28.09
N ALA A 26 -27.17 -23.49 26.81
CA ALA A 26 -28.50 -23.24 26.28
C ALA A 26 -28.70 -24.13 25.06
N ALA A 27 -29.87 -24.00 24.44
CA ALA A 27 -30.12 -24.68 23.18
C ALA A 27 -29.23 -24.09 22.10
N CYS A 28 -28.70 -24.95 21.23
CA CYS A 28 -27.69 -24.52 20.29
C CYS A 28 -28.30 -23.62 19.21
N ASN A 29 -27.59 -22.54 18.90
CA ASN A 29 -28.05 -21.55 17.93
C ASN A 29 -26.82 -20.86 17.34
N GLN A 30 -26.50 -21.17 16.09
CA GLN A 30 -25.28 -20.65 15.47
C GLN A 30 -25.47 -19.25 14.92
N ASP A 31 -26.65 -18.68 15.02
CA ASP A 31 -26.86 -17.27 14.75
C ASP A 31 -26.84 -16.42 16.01
N ALA A 32 -26.58 -17.03 17.17
CA ALA A 32 -26.50 -16.32 18.44
C ALA A 32 -25.03 -16.12 18.79
N GLU A 33 -24.59 -14.86 18.74
CA GLU A 33 -23.18 -14.56 19.00
C GLU A 33 -22.81 -14.87 20.44
N SER A 34 -23.77 -14.74 21.36
CA SER A 34 -23.56 -15.10 22.76
C SER A 34 -22.83 -16.43 22.89
N GLN A 35 -23.29 -17.44 22.14
CA GLN A 35 -22.77 -18.79 22.26
C GLN A 35 -21.42 -19.00 21.57
N LYS A 36 -21.01 -18.13 20.65
CA LYS A 36 -19.84 -18.41 19.82
C LYS A 36 -18.54 -18.18 20.58
N PHE A 37 -17.56 -19.07 20.35
CA PHE A 37 -16.26 -19.00 20.99
C PHE A 37 -15.16 -19.19 19.95
N ARG A 38 -13.91 -18.98 20.38
CA ARG A 38 -12.81 -18.91 19.45
C ARG A 38 -11.45 -18.88 20.14
N TRP A 39 -10.49 -19.69 19.67
CA TRP A 39 -9.15 -19.68 20.22
C TRP A 39 -8.46 -18.34 19.99
N VAL A 40 -7.51 -18.01 20.85
CA VAL A 40 -6.83 -16.72 20.79
C VAL A 40 -5.32 -16.91 20.97
N SER A 41 -4.95 -17.99 21.66
CA SER A 41 -3.56 -18.36 21.86
C SER A 41 -3.48 -19.87 21.70
N GLU A 42 -2.29 -20.43 21.97
CA GLU A 42 -2.18 -21.88 22.03
C GLU A 42 -3.09 -22.47 23.09
N SER A 43 -3.45 -21.67 24.11
CA SER A 43 -4.18 -22.12 25.28
C SER A 43 -5.51 -21.41 25.50
N GLN A 44 -5.58 -20.11 25.24
CA GLN A 44 -6.74 -19.34 25.64
C GLN A 44 -7.91 -19.56 24.69
N ILE A 45 -9.13 -19.40 25.23
CA ILE A 45 -10.38 -19.54 24.49
C ILE A 45 -11.26 -18.36 24.85
N MET A 46 -11.58 -17.52 23.88
CA MET A 46 -12.30 -16.28 24.11
C MET A 46 -13.70 -16.37 23.54
N SER A 47 -14.63 -15.63 24.14
CA SER A 47 -15.98 -15.49 23.60
C SER A 47 -15.99 -14.33 22.60
N VAL A 48 -16.40 -14.61 21.36
CA VAL A 48 -16.49 -13.53 20.37
C VAL A 48 -17.55 -12.52 20.79
N ALA A 49 -18.52 -12.94 21.60
CA ALA A 49 -19.58 -12.02 22.03
C ALA A 49 -19.02 -10.92 22.92
N PHE A 50 -18.27 -11.28 23.96
CA PHE A 50 -17.83 -10.33 24.98
C PHE A 50 -16.35 -9.99 24.90
N LYS A 51 -15.56 -10.69 24.09
CA LYS A 51 -14.11 -10.47 23.99
C LYS A 51 -13.45 -10.61 25.36
N LEU A 52 -13.75 -11.73 26.02
CA LEU A 52 -13.09 -12.15 27.25
C LEU A 52 -12.93 -13.66 27.20
N CYS A 53 -11.86 -14.15 27.81
CA CYS A 53 -11.50 -15.56 27.73
C CYS A 53 -12.06 -16.30 28.93
N LEU A 54 -12.43 -17.56 28.72
CA LEU A 54 -12.88 -18.39 29.83
C LEU A 54 -11.70 -18.72 30.73
N GLY A 55 -11.94 -18.72 32.04
CA GLY A 55 -10.87 -18.92 33.01
C GLY A 55 -11.45 -19.28 34.35
N VAL A 56 -10.55 -19.48 35.31
CA VAL A 56 -10.95 -19.91 36.66
C VAL A 56 -10.27 -19.02 37.68
N PRO A 57 -10.83 -18.93 38.89
CA PRO A 57 -10.16 -18.19 39.97
C PRO A 57 -8.97 -18.92 40.55
N SER A 58 -8.97 -20.25 40.49
CA SER A 58 -7.87 -21.05 41.02
C SER A 58 -7.95 -22.44 40.39
N LYS A 59 -6.85 -23.19 40.50
CA LYS A 59 -6.85 -24.58 40.07
C LYS A 59 -7.24 -25.46 41.26
N THR A 60 -8.49 -25.28 41.67
CA THR A 60 -9.13 -26.05 42.71
C THR A 60 -10.44 -26.58 42.17
N ASP A 61 -11.05 -27.52 42.89
CA ASP A 61 -12.25 -28.13 42.37
C ASP A 61 -13.52 -27.37 42.73
N TRP A 62 -14.51 -27.53 41.85
CA TRP A 62 -15.81 -26.86 41.94
C TRP A 62 -15.66 -25.37 42.20
N VAL A 63 -14.94 -24.71 41.29
CA VAL A 63 -14.94 -23.27 41.16
C VAL A 63 -15.54 -22.92 39.79
N ALA A 64 -16.14 -21.74 39.69
CA ALA A 64 -16.89 -21.35 38.51
C ALA A 64 -15.96 -20.88 37.40
N ILE A 65 -16.05 -21.52 36.24
CA ILE A 65 -15.42 -21.02 35.02
C ILE A 65 -16.20 -19.82 34.51
N THR A 66 -15.55 -18.66 34.47
CA THR A 66 -16.19 -17.44 34.00
C THR A 66 -15.23 -16.70 33.06
N LEU A 67 -15.67 -15.53 32.59
CA LEU A 67 -14.93 -14.77 31.60
C LEU A 67 -14.05 -13.74 32.28
N TYR A 68 -12.76 -13.76 31.94
CA TYR A 68 -11.77 -12.82 32.44
C TYR A 68 -11.22 -12.01 31.28
N ALA A 69 -10.68 -10.83 31.59
CA ALA A 69 -9.96 -10.08 30.57
C ALA A 69 -8.77 -10.89 30.11
N CYS A 70 -8.57 -10.96 28.80
CA CYS A 70 -7.71 -11.98 28.25
C CYS A 70 -6.26 -11.55 28.42
N ASP A 71 -5.42 -12.50 28.79
CA ASP A 71 -4.09 -12.19 29.32
C ASP A 71 -3.17 -13.32 28.89
N SER A 72 -2.17 -12.98 28.09
CA SER A 72 -1.24 -13.99 27.57
C SER A 72 -0.73 -14.90 28.67
N LYS A 73 -0.45 -14.34 29.85
CA LYS A 73 0.23 -15.10 30.88
C LYS A 73 -0.61 -15.37 32.14
N SER A 74 -1.88 -14.96 32.22
CA SER A 74 -2.68 -15.39 33.37
C SER A 74 -2.82 -16.89 33.21
N GLU A 75 -2.29 -17.67 34.15
CA GLU A 75 -2.15 -19.08 33.78
C GLU A 75 -3.37 -19.88 34.25
N PHE A 76 -4.52 -19.20 34.43
CA PHE A 76 -5.83 -19.77 34.70
C PHE A 76 -6.77 -19.70 33.50
N GLN A 77 -6.44 -18.94 32.47
CA GLN A 77 -7.22 -18.89 31.25
C GLN A 77 -6.73 -19.89 30.20
N LYS A 78 -5.77 -20.72 30.58
CA LYS A 78 -5.14 -21.63 29.65
C LYS A 78 -5.84 -22.98 29.70
N TRP A 79 -6.08 -23.54 28.51
CA TRP A 79 -6.79 -24.79 28.37
C TRP A 79 -6.05 -25.68 27.38
N GLU A 80 -6.42 -26.96 27.39
CA GLU A 80 -5.78 -27.96 26.57
C GLU A 80 -6.76 -29.11 26.43
N CYS A 81 -6.57 -29.92 25.39
CA CYS A 81 -7.43 -31.09 25.19
C CYS A 81 -6.66 -32.35 25.53
N LYS A 82 -7.30 -33.22 26.31
CA LYS A 82 -6.72 -34.48 26.75
C LYS A 82 -7.60 -35.62 26.23
N ASN A 83 -7.12 -36.85 26.44
CA ASN A 83 -7.82 -38.08 26.08
C ASN A 83 -8.46 -38.06 24.70
N ASP A 84 -9.34 -37.08 24.45
CA ASP A 84 -9.89 -36.75 23.14
C ASP A 84 -10.83 -35.57 23.27
N THR A 85 -12.10 -35.84 23.56
CA THR A 85 -13.07 -34.78 23.79
C THR A 85 -12.92 -34.13 25.16
N LEU A 86 -11.89 -34.51 25.93
CA LEU A 86 -11.70 -33.91 27.24
C LEU A 86 -11.18 -32.49 27.03
N LEU A 87 -11.65 -31.57 27.87
CA LEU A 87 -11.15 -30.20 27.91
C LEU A 87 -10.81 -29.83 29.34
N GLY A 88 -9.51 -29.67 29.63
CA GLY A 88 -9.12 -29.30 30.97
C GLY A 88 -8.03 -28.24 30.99
N ILE A 89 -7.76 -27.76 32.21
CA ILE A 89 -6.74 -26.74 32.45
C ILE A 89 -5.37 -27.41 32.33
N LYS A 90 -4.38 -26.63 31.91
CA LYS A 90 -3.04 -27.17 31.70
C LYS A 90 -2.34 -27.36 33.04
N GLY A 91 -1.58 -28.44 33.16
CA GLY A 91 -0.84 -28.73 34.37
C GLY A 91 -1.54 -29.53 35.46
N GLU A 92 -2.85 -29.31 35.63
CA GLU A 92 -3.64 -30.02 36.61
C GLU A 92 -4.81 -30.73 35.94
N ASP A 93 -5.08 -31.97 36.38
CA ASP A 93 -6.11 -32.82 35.78
C ASP A 93 -7.49 -32.40 36.27
N LEU A 94 -7.86 -31.16 35.93
CA LEU A 94 -9.18 -30.65 36.23
C LEU A 94 -9.80 -30.10 34.96
N PHE A 95 -11.09 -30.35 34.76
CA PHE A 95 -11.70 -30.33 33.43
C PHE A 95 -12.86 -29.34 33.35
N PHE A 96 -12.97 -28.67 32.21
CA PHE A 96 -14.24 -28.11 31.76
C PHE A 96 -15.36 -29.10 32.07
N ASN A 97 -16.40 -28.62 32.74
CA ASN A 97 -17.50 -29.52 33.11
C ASN A 97 -18.84 -28.81 33.01
N TYR A 98 -19.85 -29.60 32.66
CA TYR A 98 -21.22 -29.13 32.67
C TYR A 98 -21.59 -28.66 34.07
N GLY A 99 -22.42 -27.62 34.15
CA GLY A 99 -22.76 -27.04 35.43
C GLY A 99 -23.91 -27.73 36.12
N ASN A 100 -23.67 -28.15 37.37
CA ASN A 100 -24.76 -28.54 38.25
C ASN A 100 -25.78 -27.41 38.27
N ARG A 101 -27.05 -27.74 38.04
CA ARG A 101 -27.98 -26.63 37.86
C ARG A 101 -28.29 -25.88 39.18
N GLN A 102 -27.56 -26.10 40.27
CA GLN A 102 -27.65 -25.19 41.42
C GLN A 102 -26.99 -23.87 41.08
N GLU A 103 -25.72 -23.90 40.71
CA GLU A 103 -25.03 -22.74 40.17
C GLU A 103 -25.16 -22.83 38.66
N LYS A 104 -26.17 -22.17 38.09
CA LYS A 104 -26.31 -22.10 36.65
C LYS A 104 -25.02 -21.57 36.01
N ASN A 105 -24.05 -22.46 35.80
CA ASN A 105 -22.74 -22.01 35.36
C ASN A 105 -21.87 -23.21 35.01
N ILE A 106 -21.07 -23.05 33.94
CA ILE A 106 -19.99 -23.99 33.66
C ILE A 106 -19.03 -23.98 34.84
N MET A 107 -18.56 -25.16 35.25
CA MET A 107 -17.62 -25.21 36.36
C MET A 107 -16.50 -26.20 36.07
N LEU A 108 -15.52 -26.20 36.97
CA LEU A 108 -14.29 -26.97 36.83
C LEU A 108 -14.35 -28.12 37.83
N TYR A 109 -14.25 -29.34 37.33
CA TYR A 109 -14.48 -30.55 38.11
C TYR A 109 -13.36 -31.54 37.83
N LYS A 110 -13.23 -32.55 38.70
CA LYS A 110 -12.15 -33.51 38.54
C LYS A 110 -12.59 -34.78 37.82
N GLY A 111 -13.87 -34.87 37.44
CA GLY A 111 -14.43 -36.02 36.77
C GLY A 111 -14.20 -36.11 35.28
N SER A 112 -13.62 -37.21 34.82
CA SER A 112 -13.36 -37.38 33.40
C SER A 112 -14.57 -38.03 32.73
N GLY A 113 -15.77 -37.66 33.19
CA GLY A 113 -17.00 -38.29 32.75
C GLY A 113 -17.63 -37.62 31.55
N LEU A 114 -18.85 -38.08 31.23
CA LEU A 114 -19.60 -37.62 30.07
C LEU A 114 -20.05 -36.16 30.20
N TRP A 115 -20.00 -35.58 31.39
CA TRP A 115 -20.30 -34.17 31.58
C TRP A 115 -19.08 -33.29 31.38
N SER A 116 -17.92 -33.91 31.15
CA SER A 116 -16.66 -33.20 30.95
C SER A 116 -16.10 -33.43 29.55
N ARG A 117 -16.92 -33.90 28.61
CA ARG A 117 -16.48 -34.12 27.25
C ARG A 117 -17.23 -33.15 26.35
N TRP A 118 -16.48 -32.26 25.72
CA TRP A 118 -17.02 -31.20 24.89
C TRP A 118 -16.52 -31.38 23.46
N LYS A 119 -17.12 -30.63 22.54
CA LYS A 119 -16.86 -30.92 21.14
C LYS A 119 -17.50 -29.85 20.25
N ILE A 120 -16.79 -29.50 19.17
CA ILE A 120 -17.25 -28.44 18.27
C ILE A 120 -18.58 -28.85 17.64
N TYR A 121 -19.54 -27.93 17.65
CA TYR A 121 -20.86 -28.22 17.15
C TYR A 121 -20.80 -28.61 15.68
N GLY A 122 -21.42 -29.74 15.35
CA GLY A 122 -21.47 -30.23 13.98
C GLY A 122 -20.25 -30.97 13.50
N THR A 123 -19.36 -31.41 14.39
CA THR A 123 -18.11 -32.06 13.99
C THR A 123 -17.80 -33.20 14.97
N THR A 124 -16.59 -33.79 14.82
CA THR A 124 -16.11 -34.84 15.73
C THR A 124 -14.61 -34.76 16.03
N ASP A 125 -13.92 -33.70 15.61
CA ASP A 125 -12.48 -33.52 15.84
C ASP A 125 -12.27 -32.46 16.93
N ASN A 126 -11.89 -32.91 18.13
CA ASN A 126 -11.90 -32.11 19.37
C ASN A 126 -11.37 -30.68 19.24
N LEU A 127 -11.78 -29.81 20.18
CA LEU A 127 -11.66 -28.37 20.02
C LEU A 127 -10.23 -27.88 19.87
N CYS A 128 -9.24 -28.75 20.01
CA CYS A 128 -7.89 -28.41 19.60
C CYS A 128 -7.66 -28.70 18.11
N SER A 129 -8.73 -28.97 17.37
CA SER A 129 -8.66 -29.05 15.92
C SER A 129 -8.69 -27.66 15.28
N ARG A 130 -9.73 -26.87 15.60
CA ARG A 130 -9.78 -25.50 15.12
C ARG A 130 -8.85 -24.63 15.96
N GLY A 131 -7.61 -25.08 16.14
CA GLY A 131 -6.72 -24.42 17.07
C GLY A 131 -6.21 -23.10 16.52
N TYR A 132 -5.64 -22.31 17.41
CA TYR A 132 -5.18 -20.98 17.04
C TYR A 132 -3.92 -21.07 16.19
N GLU A 133 -3.91 -20.31 15.10
CA GLU A 133 -2.72 -20.14 14.28
C GLU A 133 -2.48 -18.65 14.16
N ALA A 134 -1.26 -18.22 14.50
CA ALA A 134 -0.91 -16.82 14.39
C ALA A 134 -0.95 -16.39 12.93
N MET A 135 -1.66 -15.30 12.66
CA MET A 135 -1.85 -14.83 11.29
C MET A 135 -1.12 -13.50 11.13
N TYR A 136 -0.08 -13.52 10.30
CA TYR A 136 0.78 -12.36 10.09
C TYR A 136 0.11 -11.36 9.16
N THR A 137 0.19 -10.07 9.50
CA THR A 137 -0.51 -9.05 8.77
C THR A 137 0.19 -8.71 7.46
N LEU A 138 -0.55 -8.03 6.59
CA LEU A 138 -0.05 -7.57 5.31
C LEU A 138 -0.06 -6.06 5.27
N LEU A 139 1.00 -5.48 4.71
CA LEU A 139 1.12 -4.02 4.53
C LEU A 139 1.13 -3.40 5.94
N GLY A 140 0.41 -2.31 6.16
CA GLY A 140 0.31 -1.68 7.46
C GLY A 140 1.60 -1.13 8.01
N ASN A 141 1.52 -0.47 9.17
CA ASN A 141 2.70 0.11 9.82
C ASN A 141 3.40 -0.87 10.74
N ALA A 142 2.75 -1.96 11.11
CA ALA A 142 3.26 -2.89 12.10
C ALA A 142 4.27 -3.89 11.54
N ASN A 143 4.69 -3.72 10.29
CA ASN A 143 5.72 -4.56 9.67
C ASN A 143 5.34 -6.04 9.69
N GLY A 144 4.04 -6.33 9.55
CA GLY A 144 3.59 -7.70 9.47
C GLY A 144 3.52 -8.45 10.79
N ALA A 145 3.38 -7.75 11.91
CA ALA A 145 3.24 -8.42 13.20
C ALA A 145 1.93 -9.19 13.26
N THR A 146 1.93 -10.25 14.06
CA THR A 146 0.76 -11.12 14.17
C THR A 146 -0.43 -10.36 14.76
N CYS A 147 -1.63 -10.79 14.37
CA CYS A 147 -2.85 -10.19 14.91
C CYS A 147 -2.93 -10.43 16.41
N ALA A 148 -3.51 -9.46 17.10
CA ALA A 148 -3.74 -9.55 18.54
C ALA A 148 -5.24 -9.56 18.77
N PHE A 149 -5.74 -10.66 19.34
CA PHE A 149 -7.15 -10.73 19.67
C PHE A 149 -7.36 -10.86 21.18
N PRO A 150 -8.31 -10.12 21.75
CA PRO A 150 -9.07 -9.11 21.00
C PRO A 150 -8.31 -7.81 20.91
N PHE A 151 -8.77 -6.88 20.08
CA PHE A 151 -8.19 -5.55 20.01
C PHE A 151 -9.30 -4.52 20.06
N LYS A 152 -8.97 -3.33 20.57
CA LYS A 152 -9.92 -2.24 20.72
C LYS A 152 -9.67 -1.20 19.66
N PHE A 153 -10.71 -0.88 18.87
CA PHE A 153 -10.64 0.16 17.87
C PHE A 153 -11.87 1.06 18.06
N GLU A 154 -11.62 2.35 18.28
CA GLU A 154 -12.68 3.31 18.58
C GLU A 154 -13.55 2.82 19.74
N ASN A 155 -12.88 2.39 20.81
CA ASN A 155 -13.54 2.07 22.09
C ASN A 155 -14.52 0.91 21.96
N LYS A 156 -14.31 0.02 20.99
CA LYS A 156 -15.06 -1.22 20.91
C LYS A 156 -14.10 -2.36 20.62
N TRP A 157 -14.47 -3.55 21.07
CA TRP A 157 -13.60 -4.73 20.97
C TRP A 157 -14.04 -5.57 19.78
N TYR A 158 -13.06 -6.02 18.99
CA TYR A 158 -13.28 -6.82 17.79
C TYR A 158 -12.63 -8.18 17.96
N ALA A 159 -13.37 -9.25 17.68
CA ALA A 159 -12.89 -10.60 17.91
C ALA A 159 -12.16 -11.21 16.73
N ASP A 160 -12.31 -10.64 15.53
CA ASP A 160 -11.58 -11.09 14.35
C ASP A 160 -11.25 -9.85 13.52
N CYS A 161 -10.83 -10.08 12.28
CA CYS A 161 -10.52 -8.98 11.37
C CYS A 161 -11.80 -8.28 10.94
N THR A 162 -11.74 -6.95 10.85
CA THR A 162 -12.92 -6.15 10.59
C THR A 162 -12.68 -5.21 9.41
N SER A 163 -13.79 -4.79 8.79
CA SER A 163 -13.77 -3.64 7.90
C SER A 163 -14.54 -2.53 8.58
N ALA A 164 -14.09 -2.14 9.76
CA ALA A 164 -14.70 -1.04 10.47
C ALA A 164 -13.89 0.24 10.30
N GLY A 165 -14.61 1.35 10.23
CA GLY A 165 -14.01 2.66 9.99
C GLY A 165 -13.36 2.80 8.65
N ARG A 166 -13.82 2.05 7.65
CA ARG A 166 -13.18 1.96 6.34
C ARG A 166 -14.27 1.92 5.27
N SER A 167 -14.03 2.65 4.18
CA SER A 167 -14.94 2.64 3.04
C SER A 167 -14.72 1.42 2.14
N ASP A 168 -13.50 0.89 2.13
CA ASP A 168 -13.10 -0.07 1.11
C ASP A 168 -13.40 -1.51 1.50
N GLY A 169 -13.78 -1.77 2.74
CA GLY A 169 -14.16 -3.12 3.11
C GLY A 169 -13.02 -4.10 3.17
N TRP A 170 -11.78 -3.62 3.23
CA TRP A 170 -10.68 -4.52 3.51
C TRP A 170 -10.75 -5.02 4.94
N LEU A 171 -10.02 -6.11 5.23
CA LEU A 171 -10.03 -6.72 6.54
C LEU A 171 -8.68 -6.50 7.22
N TRP A 172 -8.71 -5.82 8.35
CA TRP A 172 -7.52 -5.47 9.11
C TRP A 172 -7.70 -5.85 10.58
N CYS A 173 -6.60 -5.73 11.32
CA CYS A 173 -6.52 -6.21 12.69
C CYS A 173 -5.44 -5.40 13.39
N GLY A 174 -5.66 -5.08 14.66
CA GLY A 174 -4.59 -4.56 15.48
C GLY A 174 -3.55 -5.63 15.79
N THR A 175 -2.29 -5.19 15.89
CA THR A 175 -1.22 -6.12 16.25
C THR A 175 -0.89 -6.09 17.73
N THR A 176 -1.35 -5.07 18.45
CA THR A 176 -1.44 -5.07 19.90
C THR A 176 -2.91 -5.06 20.30
N THR A 177 -3.18 -5.22 21.59
CA THR A 177 -4.56 -5.34 22.02
C THR A 177 -5.24 -3.98 22.22
N ASP A 178 -4.47 -2.90 22.40
CA ASP A 178 -5.02 -1.56 22.48
C ASP A 178 -4.54 -0.79 21.24
N TYR A 179 -5.23 -1.02 20.12
CA TYR A 179 -4.87 -0.32 18.90
C TYR A 179 -5.14 1.17 19.02
N ASP A 180 -6.16 1.56 19.81
CA ASP A 180 -6.50 2.97 19.93
C ASP A 180 -5.33 3.78 20.48
N THR A 181 -4.44 3.15 21.25
CA THR A 181 -3.27 3.83 21.79
C THR A 181 -2.04 3.66 20.89
N ASP A 182 -1.70 2.41 20.56
CA ASP A 182 -0.47 2.16 19.80
C ASP A 182 -0.65 2.35 18.31
N LYS A 183 -1.87 2.20 17.80
CA LYS A 183 -2.21 2.36 16.38
C LYS A 183 -1.24 1.61 15.47
N LEU A 184 -0.99 0.34 15.81
CA LEU A 184 -0.24 -0.58 14.97
C LEU A 184 -1.22 -1.57 14.35
N PHE A 185 -1.16 -1.70 13.02
CA PHE A 185 -2.12 -2.55 12.33
C PHE A 185 -1.53 -3.07 11.02
N GLY A 186 -2.29 -3.95 10.39
CA GLY A 186 -1.97 -4.52 9.10
C GLY A 186 -3.23 -5.19 8.57
N TYR A 187 -3.11 -5.76 7.38
CA TYR A 187 -4.24 -6.41 6.73
C TYR A 187 -4.12 -7.93 6.86
N CYS A 188 -5.26 -8.58 7.04
CA CYS A 188 -5.25 -10.01 7.36
C CYS A 188 -5.16 -10.83 6.08
N PRO A 189 -4.47 -11.97 6.10
CA PRO A 189 -4.39 -12.82 4.91
C PRO A 189 -5.70 -13.55 4.65
N LEU A 190 -6.77 -12.79 4.42
CA LEU A 190 -8.07 -13.37 4.12
C LEU A 190 -8.59 -12.73 2.84
N LYS A 191 -9.66 -13.32 2.32
CA LYS A 191 -10.20 -12.97 1.02
C LYS A 191 -11.40 -12.04 1.15
N PHE A 192 -11.39 -10.98 0.34
CA PHE A 192 -12.35 -9.88 0.30
C PHE A 192 -12.06 -9.13 -0.99
N GLU A 193 -12.95 -8.24 -1.40
CA GLU A 193 -12.66 -7.53 -2.62
C GLU A 193 -11.60 -6.47 -2.39
N GLY A 194 -10.51 -6.56 -3.16
CA GLY A 194 -9.24 -5.96 -2.85
C GLY A 194 -8.18 -6.97 -2.43
N SER A 195 -8.59 -8.16 -1.99
CA SER A 195 -7.66 -9.20 -1.59
C SER A 195 -6.58 -9.44 -2.65
N GLU A 196 -7.00 -9.61 -3.90
CA GLU A 196 -6.05 -10.09 -4.90
C GLU A 196 -5.13 -9.00 -5.43
N SER A 197 -5.48 -7.72 -5.24
CA SER A 197 -4.61 -6.61 -5.65
C SER A 197 -3.31 -6.57 -4.86
N LEU A 198 -3.08 -7.56 -4.01
CA LEU A 198 -1.82 -7.69 -3.29
C LEU A 198 -0.89 -8.70 -3.95
N TRP A 199 -1.32 -9.31 -5.06
CA TRP A 199 -0.50 -10.23 -5.84
C TRP A 199 -0.26 -9.75 -7.26
N ASN A 200 0.84 -10.23 -7.83
CA ASN A 200 1.04 -10.31 -9.28
C ASN A 200 1.30 -11.70 -9.80
N LYS A 201 0.76 -11.80 -11.00
CA LYS A 201 0.56 -12.99 -11.80
C LYS A 201 1.19 -12.58 -13.11
N ASP A 202 2.30 -13.20 -13.45
CA ASP A 202 2.98 -12.83 -14.68
C ASP A 202 2.07 -13.19 -15.85
N PRO A 203 1.86 -12.28 -16.81
CA PRO A 203 0.88 -12.55 -17.87
C PRO A 203 1.14 -13.86 -18.59
N LEU A 204 2.38 -14.35 -18.57
CA LEU A 204 2.75 -15.53 -19.36
C LEU A 204 2.55 -16.83 -18.54
N THR A 205 3.38 -17.00 -17.51
CA THR A 205 3.23 -18.13 -16.59
C THR A 205 1.80 -18.28 -16.08
N SER A 206 1.25 -17.20 -15.50
CA SER A 206 0.04 -17.15 -14.66
C SER A 206 0.37 -17.43 -13.20
N VAL A 207 1.62 -17.76 -12.87
CA VAL A 207 2.03 -17.83 -11.48
C VAL A 207 1.88 -16.46 -10.84
N SER A 208 1.48 -16.43 -9.57
CA SER A 208 1.27 -15.17 -8.86
C SER A 208 2.33 -14.95 -7.78
N TYR A 209 2.54 -13.68 -7.43
CA TYR A 209 3.61 -13.28 -6.54
C TYR A 209 3.15 -12.17 -5.59
N GLN A 210 3.61 -12.22 -4.35
CA GLN A 210 3.29 -11.22 -3.34
C GLN A 210 4.59 -10.65 -2.77
N ILE A 211 4.78 -9.35 -2.91
CA ILE A 211 5.99 -8.68 -2.46
C ILE A 211 5.66 -7.94 -1.17
N ASN A 212 6.18 -8.43 -0.05
CA ASN A 212 5.92 -7.84 1.25
C ASN A 212 7.21 -7.11 1.66
N SER A 213 7.35 -5.90 1.13
CA SER A 213 8.55 -5.11 1.35
C SER A 213 8.52 -4.35 2.66
N LYS A 214 7.35 -4.03 3.18
CA LYS A 214 7.20 -3.27 4.43
C LYS A 214 7.20 -4.16 5.67
N SER A 215 7.21 -5.48 5.50
CA SER A 215 7.26 -6.40 6.62
C SER A 215 8.71 -6.71 7.00
N ALA A 216 8.88 -7.36 8.18
CA ALA A 216 10.21 -7.67 8.71
C ALA A 216 10.08 -8.89 9.62
N LEU A 217 10.12 -10.06 9.01
CA LEU A 217 9.99 -11.32 9.73
C LEU A 217 11.23 -12.18 9.52
N THR A 218 11.44 -13.11 10.45
CA THR A 218 12.43 -14.15 10.25
C THR A 218 12.03 -15.02 9.05
N TRP A 219 12.98 -15.84 8.60
CA TRP A 219 12.69 -16.71 7.46
C TRP A 219 11.49 -17.60 7.75
N HIS A 220 11.39 -18.13 8.97
CA HIS A 220 10.33 -19.09 9.26
C HIS A 220 8.98 -18.40 9.45
N GLN A 221 8.98 -17.21 10.05
CA GLN A 221 7.76 -16.43 10.11
C GLN A 221 7.28 -16.11 8.70
N ALA A 222 8.19 -15.67 7.84
CA ALA A 222 7.86 -15.42 6.44
C ALA A 222 7.23 -16.63 5.78
N ARG A 223 7.90 -17.79 5.90
CA ARG A 223 7.38 -19.02 5.30
C ARG A 223 5.97 -19.33 5.78
N LYS A 224 5.68 -19.08 7.07
CA LYS A 224 4.35 -19.39 7.57
C LYS A 224 3.33 -18.40 7.04
N SER A 225 3.75 -17.17 6.72
CA SER A 225 2.83 -16.17 6.22
C SER A 225 2.44 -16.38 4.77
N CYS A 226 3.09 -17.29 4.05
CA CYS A 226 2.61 -17.64 2.72
C CYS A 226 1.90 -18.98 2.69
N GLN A 227 2.22 -19.88 3.61
CA GLN A 227 1.44 -21.10 3.74
C GLN A 227 0.00 -20.82 4.15
N GLN A 228 -0.21 -19.87 5.06
CA GLN A 228 -1.58 -19.53 5.46
C GLN A 228 -2.33 -18.79 4.35
N GLN A 229 -1.65 -18.36 3.29
CA GLN A 229 -2.31 -17.83 2.11
C GLN A 229 -2.41 -18.87 1.00
N ASN A 230 -2.34 -20.15 1.35
CA ASN A 230 -2.31 -21.25 0.40
C ASN A 230 -1.23 -21.01 -0.66
N ALA A 231 -0.07 -20.55 -0.21
CA ALA A 231 1.07 -20.27 -1.06
C ALA A 231 2.30 -20.81 -0.36
N GLU A 232 3.46 -20.25 -0.69
CA GLU A 232 4.74 -20.69 -0.14
C GLU A 232 5.79 -19.66 -0.53
N LEU A 233 6.96 -19.74 0.10
CA LEU A 233 8.04 -18.82 -0.20
C LEU A 233 8.48 -18.97 -1.66
N LEU A 234 8.97 -17.87 -2.22
CA LEU A 234 9.27 -17.79 -3.64
C LEU A 234 10.29 -18.81 -4.12
N SER A 235 9.96 -19.53 -5.19
CA SER A 235 10.91 -20.39 -5.89
C SER A 235 11.21 -19.83 -7.27
N ILE A 236 12.48 -19.88 -7.65
CA ILE A 236 12.96 -19.41 -8.94
C ILE A 236 13.43 -20.63 -9.73
N THR A 237 12.65 -21.03 -10.73
CA THR A 237 12.89 -22.25 -11.49
C THR A 237 13.35 -22.01 -12.92
N GLU A 238 13.08 -20.85 -13.50
CA GLU A 238 13.46 -20.58 -14.88
C GLU A 238 14.09 -19.19 -15.00
N ILE A 239 14.84 -19.00 -16.09
CA ILE A 239 15.47 -17.72 -16.35
C ILE A 239 14.42 -16.65 -16.54
N HIS A 240 13.26 -17.02 -17.09
CA HIS A 240 12.16 -16.05 -17.21
C HIS A 240 11.71 -15.55 -15.85
N GLU A 241 11.67 -16.46 -14.86
CA GLU A 241 11.18 -16.09 -13.54
C GLU A 241 12.08 -15.05 -12.88
N GLN A 242 13.40 -15.28 -12.91
CA GLN A 242 14.32 -14.34 -12.28
C GLN A 242 14.25 -12.96 -12.91
N THR A 243 14.09 -12.90 -14.25
CA THR A 243 14.00 -11.61 -14.91
C THR A 243 12.70 -10.90 -14.56
N TYR A 244 11.62 -11.66 -14.46
CA TYR A 244 10.32 -11.04 -14.19
C TYR A 244 10.29 -10.40 -12.81
N LEU A 245 10.88 -11.07 -11.83
CA LEU A 245 10.90 -10.53 -10.47
C LEU A 245 12.02 -9.52 -10.27
N THR A 246 13.09 -9.59 -11.06
CA THR A 246 14.03 -8.49 -11.10
C THR A 246 13.34 -7.20 -11.52
N GLY A 247 12.33 -7.32 -12.39
CA GLY A 247 11.58 -6.14 -12.79
C GLY A 247 10.70 -5.63 -11.66
N LEU A 248 10.08 -6.54 -10.91
CA LEU A 248 9.21 -6.12 -9.82
C LEU A 248 10.01 -5.51 -8.66
N THR A 249 11.17 -6.09 -8.35
CA THR A 249 11.99 -5.64 -7.24
C THR A 249 13.08 -4.66 -7.64
N SER A 250 13.09 -4.20 -8.89
CA SER A 250 14.01 -3.14 -9.32
C SER A 250 14.11 -1.99 -8.32
N SER A 251 12.95 -1.43 -7.94
CA SER A 251 12.89 -0.18 -7.19
C SER A 251 12.98 -0.36 -5.68
N LEU A 252 13.26 -1.57 -5.20
CA LEU A 252 13.42 -1.84 -3.78
C LEU A 252 14.92 -2.00 -3.45
N THR A 253 15.23 -1.99 -2.16
CA THR A 253 16.64 -1.97 -1.77
C THR A 253 16.99 -2.97 -0.68
N SER A 254 16.10 -3.17 0.28
CA SER A 254 16.39 -4.06 1.40
C SER A 254 16.07 -5.49 1.02
N GLY A 255 16.88 -6.42 1.54
CA GLY A 255 16.76 -7.81 1.12
C GLY A 255 15.39 -8.37 1.41
N LEU A 256 14.99 -9.36 0.61
CA LEU A 256 13.71 -10.04 0.74
C LEU A 256 13.93 -11.54 0.82
N TRP A 257 13.11 -12.22 1.63
CA TRP A 257 13.26 -13.65 1.83
C TRP A 257 12.72 -14.44 0.64
N ILE A 258 13.46 -15.48 0.24
CA ILE A 258 12.96 -16.46 -0.70
C ILE A 258 13.07 -17.84 -0.07
N GLY A 259 12.50 -18.83 -0.75
CA GLY A 259 12.36 -20.16 -0.19
C GLY A 259 13.58 -21.04 -0.25
N LEU A 260 14.71 -20.51 -0.69
CA LEU A 260 15.90 -21.34 -0.83
C LEU A 260 16.61 -21.46 0.51
N ASN A 261 17.00 -22.68 0.88
CA ASN A 261 17.52 -22.93 2.21
C ASN A 261 18.37 -24.19 2.21
N SER A 262 19.21 -24.30 3.22
CA SER A 262 20.05 -25.48 3.47
C SER A 262 19.77 -26.04 4.85
N LEU A 263 18.49 -26.04 5.26
CA LEU A 263 18.12 -26.35 6.63
C LEU A 263 18.12 -27.86 6.93
N SER A 264 18.01 -28.71 5.91
CA SER A 264 18.12 -30.14 6.11
C SER A 264 19.59 -30.56 6.09
N PHE A 265 19.95 -31.49 6.98
CA PHE A 265 21.35 -31.65 7.35
C PHE A 265 22.13 -32.54 6.39
N ASN A 266 21.47 -33.52 5.77
CA ASN A 266 22.12 -34.36 4.77
C ASN A 266 21.73 -33.97 3.35
N SER A 267 21.46 -32.69 3.12
CA SER A 267 20.94 -32.23 1.85
C SER A 267 21.43 -30.81 1.59
N GLY A 268 21.80 -30.53 0.35
CA GLY A 268 22.31 -29.23 -0.02
C GLY A 268 21.19 -28.21 -0.10
N TRP A 269 21.45 -27.13 -0.84
CA TRP A 269 20.44 -26.11 -1.03
C TRP A 269 19.21 -26.67 -1.73
N GLN A 270 18.05 -26.17 -1.34
CA GLN A 270 16.77 -26.70 -1.82
C GLN A 270 15.69 -25.64 -1.68
N TRP A 271 14.71 -25.69 -2.56
CA TRP A 271 13.57 -24.78 -2.48
C TRP A 271 12.57 -25.27 -1.42
N SER A 272 12.01 -24.31 -0.68
CA SER A 272 11.09 -24.67 0.40
C SER A 272 9.80 -25.31 -0.10
N ASP A 273 9.39 -25.05 -1.34
CA ASP A 273 8.23 -25.69 -1.93
C ASP A 273 8.58 -26.93 -2.73
N ARG A 274 9.75 -27.52 -2.49
CA ARG A 274 10.22 -28.72 -3.15
C ARG A 274 10.34 -28.55 -4.66
N SER A 275 10.33 -27.31 -5.15
CA SER A 275 10.71 -27.04 -6.53
C SER A 275 12.15 -27.52 -6.76
N PRO A 276 12.45 -28.00 -7.96
CA PRO A 276 13.83 -28.43 -8.25
C PRO A 276 14.76 -27.22 -8.25
N PHE A 277 15.87 -27.35 -7.53
CA PHE A 277 16.89 -26.29 -7.50
C PHE A 277 17.77 -26.48 -8.72
N ARG A 278 17.35 -25.88 -9.84
CA ARG A 278 18.02 -26.02 -11.13
C ARG A 278 18.62 -24.72 -11.62
N TYR A 279 18.09 -23.58 -11.20
CA TYR A 279 18.55 -22.27 -11.64
C TYR A 279 19.20 -21.54 -10.47
N LEU A 280 20.41 -21.03 -10.71
CA LEU A 280 21.19 -20.31 -9.72
C LEU A 280 21.31 -18.84 -10.11
N ASN A 281 21.57 -18.01 -9.11
CA ASN A 281 21.73 -16.57 -9.31
C ASN A 281 22.33 -15.95 -8.07
N TRP A 282 23.44 -16.50 -7.61
CA TRP A 282 24.04 -16.06 -6.36
C TRP A 282 24.72 -14.70 -6.54
N LEU A 283 24.83 -13.99 -5.43
CA LEU A 283 25.72 -12.84 -5.38
C LEU A 283 27.15 -13.33 -5.22
N PRO A 284 28.14 -12.54 -5.62
CA PRO A 284 29.53 -12.93 -5.38
C PRO A 284 29.80 -13.08 -3.90
N GLY A 285 30.33 -14.25 -3.51
CA GLY A 285 30.54 -14.60 -2.12
C GLY A 285 29.56 -15.61 -1.58
N SER A 286 28.45 -15.87 -2.28
CA SER A 286 27.49 -16.87 -1.87
C SER A 286 27.46 -18.02 -2.89
N PRO A 287 27.18 -19.26 -2.44
CA PRO A 287 26.86 -19.70 -1.08
C PRO A 287 28.04 -19.59 -0.11
N SER A 288 27.90 -18.76 0.91
CA SER A 288 28.96 -18.58 1.88
C SER A 288 29.12 -19.84 2.74
N ALA A 289 30.37 -20.18 3.03
CA ALA A 289 30.69 -21.41 3.75
C ALA A 289 30.60 -21.25 5.26
N GLU A 290 30.13 -20.10 5.74
CA GLU A 290 29.93 -19.92 7.18
C GLU A 290 28.92 -20.97 7.67
N PRO A 291 29.26 -21.74 8.70
CA PRO A 291 28.45 -22.93 9.02
C PRO A 291 27.05 -22.59 9.52
N GLY A 292 26.85 -21.44 10.15
CA GLY A 292 25.56 -21.09 10.73
C GLY A 292 24.53 -20.57 9.76
N LYS A 293 24.80 -20.64 8.46
CA LYS A 293 23.98 -19.94 7.48
C LYS A 293 23.25 -20.90 6.55
N SER A 294 21.92 -20.78 6.50
CA SER A 294 21.04 -21.74 5.84
C SER A 294 19.83 -21.17 5.12
N CYS A 295 19.59 -19.85 5.15
CA CYS A 295 18.41 -19.21 4.54
C CYS A 295 18.84 -18.12 3.56
N VAL A 296 18.26 -18.11 2.36
CA VAL A 296 18.66 -17.21 1.28
C VAL A 296 17.71 -16.03 1.14
N SER A 297 18.28 -14.83 1.00
CA SER A 297 17.56 -13.60 0.73
C SER A 297 17.84 -13.11 -0.69
N LEU A 298 16.86 -12.43 -1.27
CA LEU A 298 16.99 -11.83 -2.60
C LEU A 298 17.20 -10.33 -2.44
N ASN A 299 18.33 -9.83 -2.94
CA ASN A 299 18.69 -8.43 -2.77
C ASN A 299 18.21 -7.59 -3.94
N PRO A 300 17.09 -6.87 -3.78
CA PRO A 300 16.60 -6.04 -4.88
C PRO A 300 17.51 -4.87 -5.22
N GLY A 301 18.36 -4.44 -4.29
CA GLY A 301 19.34 -3.41 -4.53
C GLY A 301 20.60 -3.86 -5.22
N LYS A 302 20.71 -5.14 -5.56
CA LYS A 302 21.90 -5.68 -6.23
C LYS A 302 21.46 -6.58 -7.38
N ASN A 303 20.65 -6.03 -8.28
CA ASN A 303 20.02 -6.74 -9.39
C ASN A 303 19.52 -8.13 -8.98
N ALA A 304 18.66 -8.14 -7.97
CA ALA A 304 17.83 -9.30 -7.60
C ALA A 304 18.63 -10.59 -7.50
N LYS A 305 19.90 -10.50 -7.10
CA LYS A 305 20.72 -11.69 -6.89
C LYS A 305 20.64 -12.12 -5.42
N TRP A 306 21.17 -13.32 -5.15
CA TRP A 306 20.84 -14.06 -3.93
C TRP A 306 22.01 -14.12 -2.97
N GLU A 307 21.71 -14.00 -1.67
CA GLU A 307 22.68 -14.14 -0.59
C GLU A 307 21.98 -14.73 0.63
N ASN A 308 22.74 -15.43 1.46
CA ASN A 308 22.20 -16.13 2.62
C ASN A 308 22.40 -15.32 3.91
N LEU A 309 21.27 -14.99 4.56
CA LEU A 309 21.22 -14.18 5.77
C LEU A 309 20.56 -15.01 6.86
N GLU A 310 21.06 -14.89 8.10
CA GLU A 310 20.78 -15.78 9.22
C GLU A 310 19.28 -15.96 9.37
N CYS A 311 18.86 -17.15 9.68
CA CYS A 311 17.42 -17.22 9.54
C CYS A 311 16.70 -16.49 10.67
N VAL A 312 17.38 -15.73 11.54
CA VAL A 312 16.70 -14.93 12.55
C VAL A 312 16.53 -13.47 12.15
N GLN A 313 17.18 -13.03 11.07
CA GLN A 313 17.01 -11.65 10.63
C GLN A 313 15.59 -11.41 10.13
N LYS A 314 15.12 -10.18 10.31
CA LYS A 314 13.75 -9.80 10.02
C LYS A 314 13.81 -8.94 8.76
N LEU A 315 13.44 -9.53 7.63
CA LEU A 315 13.40 -8.84 6.34
C LEU A 315 12.02 -9.04 5.73
N GLY A 316 11.85 -8.48 4.54
CA GLY A 316 10.66 -8.75 3.77
C GLY A 316 10.70 -10.15 3.19
N TYR A 317 9.66 -10.47 2.44
CA TYR A 317 9.57 -11.80 1.86
C TYR A 317 8.69 -11.75 0.62
N ILE A 318 8.83 -12.78 -0.21
CA ILE A 318 8.08 -12.92 -1.46
C ILE A 318 7.38 -14.28 -1.42
N CYS A 319 6.10 -14.28 -1.73
CA CYS A 319 5.33 -15.51 -1.77
C CYS A 319 4.95 -15.83 -3.22
N LYS A 320 4.60 -17.10 -3.45
CA LYS A 320 4.45 -17.61 -4.81
C LYS A 320 3.28 -18.58 -4.84
N LYS A 321 2.21 -18.17 -5.51
CA LYS A 321 1.01 -18.98 -5.66
C LYS A 321 1.06 -19.56 -7.07
N GLY A 322 1.71 -20.72 -7.19
CA GLY A 322 2.06 -21.28 -8.48
C GLY A 322 0.93 -21.96 -9.22
N ASN A 323 1.28 -22.99 -9.98
CA ASN A 323 0.34 -23.74 -10.82
C ASN A 323 -0.33 -22.83 -11.85
N THR A 339 12.30 -52.51 -20.43
CA THR A 339 11.92 -53.90 -20.71
C THR A 339 12.87 -54.52 -21.75
N HIS A 340 13.70 -55.46 -21.29
CA HIS A 340 14.75 -56.10 -22.07
C HIS A 340 15.82 -55.08 -22.45
N CYS A 341 17.07 -55.36 -22.07
CA CYS A 341 18.18 -54.44 -22.25
C CYS A 341 19.42 -55.25 -22.55
N PRO A 342 20.50 -54.64 -23.07
CA PRO A 342 21.66 -55.43 -23.49
C PRO A 342 22.31 -56.10 -22.31
N SER A 343 23.27 -56.97 -22.60
CA SER A 343 23.91 -57.66 -21.50
C SER A 343 24.71 -56.66 -20.71
N GLN A 344 24.87 -56.94 -19.40
CA GLN A 344 25.48 -56.06 -18.40
C GLN A 344 24.45 -55.05 -17.88
N TRP A 345 23.54 -54.59 -18.72
CA TRP A 345 22.67 -53.47 -18.41
C TRP A 345 21.43 -53.96 -17.66
N TRP A 346 20.90 -53.10 -16.78
CA TRP A 346 19.79 -53.48 -15.90
C TRP A 346 18.64 -52.48 -16.02
N PRO A 347 17.40 -52.96 -15.97
CA PRO A 347 16.25 -52.11 -16.27
C PRO A 347 15.62 -51.47 -15.04
N TYR A 348 14.95 -50.34 -15.29
CA TYR A 348 14.06 -49.71 -14.33
C TYR A 348 13.18 -48.68 -15.03
N ALA A 349 11.87 -48.80 -14.86
CA ALA A 349 10.91 -47.84 -15.40
C ALA A 349 11.06 -47.71 -16.92
N GLY A 350 11.23 -48.85 -17.58
CA GLY A 350 11.32 -48.91 -19.02
C GLY A 350 12.64 -48.50 -19.63
N HIS A 351 13.61 -48.11 -18.81
CA HIS A 351 14.93 -47.72 -19.29
C HIS A 351 15.99 -48.66 -18.72
N CYS A 352 17.21 -48.51 -19.21
CA CYS A 352 18.33 -49.36 -18.83
C CYS A 352 19.50 -48.49 -18.40
N TYR A 353 20.25 -48.97 -17.40
CA TYR A 353 21.28 -48.18 -16.77
C TYR A 353 22.58 -48.97 -16.68
N LYS A 354 23.70 -48.26 -16.63
CA LYS A 354 25.00 -48.89 -16.43
C LYS A 354 26.01 -47.88 -15.87
N ILE A 355 26.85 -48.34 -14.94
CA ILE A 355 27.94 -47.55 -14.38
C ILE A 355 29.26 -48.03 -14.99
N HIS A 356 30.15 -47.08 -15.30
CA HIS A 356 31.41 -47.36 -15.97
C HIS A 356 32.60 -46.99 -15.08
N ARG A 357 33.57 -47.90 -14.97
CA ARG A 357 34.89 -47.54 -14.47
C ARG A 357 36.03 -48.24 -15.21
N ASP A 358 35.75 -48.96 -16.30
CA ASP A 358 36.82 -49.58 -17.08
C ASP A 358 37.90 -48.56 -17.43
N GLU A 359 37.54 -47.47 -18.11
CA GLU A 359 38.43 -46.33 -18.17
C GLU A 359 37.71 -45.06 -17.76
N LYS A 360 38.38 -44.24 -16.96
CA LYS A 360 37.83 -42.99 -16.50
C LYS A 360 38.06 -41.90 -17.55
N LYS A 361 36.99 -41.15 -17.85
CA LYS A 361 37.04 -40.16 -18.92
C LYS A 361 36.45 -38.85 -18.44
N ILE A 362 36.79 -37.80 -19.18
CA ILE A 362 36.30 -36.44 -18.98
C ILE A 362 34.79 -36.46 -19.16
N GLN A 363 34.11 -35.38 -18.77
CA GLN A 363 32.65 -35.38 -18.89
C GLN A 363 32.22 -35.51 -20.34
N ARG A 364 32.87 -34.76 -21.25
CA ARG A 364 32.44 -34.76 -22.64
C ARG A 364 32.70 -36.12 -23.28
N ASP A 365 33.86 -36.71 -23.02
CA ASP A 365 34.15 -38.02 -23.55
C ASP A 365 33.36 -39.12 -22.85
N ALA A 366 32.92 -38.88 -21.61
CA ALA A 366 32.00 -39.80 -20.97
C ALA A 366 30.61 -39.72 -21.60
N LEU A 367 30.20 -38.52 -22.00
CA LEU A 367 28.88 -38.37 -22.60
C LEU A 367 28.75 -39.22 -23.86
N THR A 368 29.83 -39.34 -24.64
CA THR A 368 29.78 -39.99 -25.94
C THR A 368 29.84 -41.50 -25.82
N THR A 369 30.65 -42.01 -24.91
CA THR A 369 30.69 -43.45 -24.75
C THR A 369 29.39 -43.97 -24.15
N CYS A 370 28.45 -43.08 -23.86
CA CYS A 370 27.09 -43.52 -23.58
C CYS A 370 26.18 -43.37 -24.80
N ARG A 371 26.56 -42.56 -25.78
CA ARG A 371 25.86 -42.52 -27.06
C ARG A 371 26.42 -43.53 -28.06
N LYS A 372 27.73 -43.77 -28.03
CA LYS A 372 28.28 -44.90 -28.77
C LYS A 372 27.69 -46.21 -28.27
N GLU A 373 27.32 -46.27 -26.99
CA GLU A 373 26.63 -47.41 -26.43
C GLU A 373 25.12 -47.37 -26.68
N GLY A 374 24.62 -46.31 -27.31
CA GLY A 374 23.23 -46.25 -27.67
C GLY A 374 22.32 -45.56 -26.67
N GLY A 375 22.84 -44.63 -25.90
CA GLY A 375 22.05 -43.92 -24.90
C GLY A 375 22.64 -42.57 -24.58
N ASP A 376 22.69 -42.24 -23.30
CA ASP A 376 23.10 -40.91 -22.87
C ASP A 376 23.46 -40.98 -21.40
N LEU A 377 24.17 -39.95 -20.93
CA LEU A 377 24.40 -39.81 -19.50
C LEU A 377 23.05 -39.77 -18.79
N THR A 378 22.99 -40.42 -17.62
CA THR A 378 21.69 -40.73 -17.03
C THR A 378 20.94 -39.47 -16.61
N SER A 379 19.62 -39.52 -16.80
CA SER A 379 18.71 -38.53 -16.25
C SER A 379 18.00 -39.12 -15.06
N ILE A 380 17.66 -38.26 -14.10
CA ILE A 380 16.93 -38.65 -12.89
C ILE A 380 15.80 -37.67 -12.67
N HIS A 381 14.56 -38.19 -12.62
CA HIS A 381 13.38 -37.36 -12.45
C HIS A 381 12.59 -37.64 -11.19
N THR A 382 12.87 -38.72 -10.48
CA THR A 382 12.14 -39.12 -9.29
C THR A 382 13.10 -39.70 -8.28
N ILE A 383 12.78 -39.52 -6.99
CA ILE A 383 13.61 -40.06 -5.93
C ILE A 383 13.67 -41.58 -6.00
N GLU A 384 12.57 -42.21 -6.44
CA GLU A 384 12.58 -43.66 -6.66
C GLU A 384 13.61 -44.05 -7.71
N GLU A 385 13.75 -43.25 -8.77
CA GLU A 385 14.76 -43.52 -9.79
C GLU A 385 16.16 -43.42 -9.20
N LEU A 386 16.42 -42.35 -8.44
CA LEU A 386 17.71 -42.21 -7.77
C LEU A 386 17.96 -43.38 -6.83
N ASP A 387 16.90 -43.91 -6.21
CA ASP A 387 17.03 -45.05 -5.32
C ASP A 387 17.44 -46.31 -6.08
N PHE A 388 16.90 -46.48 -7.29
CA PHE A 388 17.26 -47.66 -8.08
C PHE A 388 18.73 -47.67 -8.46
N ILE A 389 19.27 -46.50 -8.83
CA ILE A 389 20.63 -46.41 -9.34
C ILE A 389 21.64 -46.91 -8.31
N ILE A 390 21.44 -46.58 -7.05
CA ILE A 390 22.46 -46.92 -6.04
C ILE A 390 22.30 -48.37 -5.55
N SER A 391 21.09 -48.92 -5.62
CA SER A 391 20.85 -50.25 -5.07
C SER A 391 21.21 -51.37 -6.04
N GLN A 392 21.06 -51.16 -7.35
CA GLN A 392 20.99 -52.28 -8.28
C GLN A 392 22.04 -52.27 -9.37
N LEU A 393 23.00 -51.35 -9.35
CA LEU A 393 24.00 -51.27 -10.41
C LEU A 393 25.42 -51.36 -9.86
N GLY A 394 25.59 -51.92 -8.67
CA GLY A 394 26.90 -52.11 -8.08
C GLY A 394 27.59 -50.82 -7.69
N TYR A 395 26.83 -49.79 -7.39
CA TYR A 395 27.41 -48.52 -6.99
C TYR A 395 27.72 -48.53 -5.49
N GLU A 396 28.84 -47.91 -5.13
CA GLU A 396 29.29 -47.96 -3.75
C GLU A 396 29.53 -46.56 -3.23
N PRO A 397 29.36 -46.34 -1.92
CA PRO A 397 29.26 -44.97 -1.38
C PRO A 397 30.46 -44.08 -1.63
N ASN A 398 31.66 -44.62 -1.85
CA ASN A 398 32.82 -43.78 -2.11
C ASN A 398 33.10 -43.64 -3.60
N ASP A 399 32.06 -43.49 -4.40
CA ASP A 399 32.16 -43.27 -5.84
C ASP A 399 31.94 -41.81 -6.19
N GLU A 400 32.48 -41.39 -7.33
CA GLU A 400 32.24 -40.06 -7.89
C GLU A 400 31.92 -40.26 -9.38
N LEU A 401 30.63 -40.27 -9.71
CA LEU A 401 30.15 -40.70 -11.02
C LEU A 401 29.51 -39.54 -11.78
N TRP A 402 29.95 -39.33 -13.02
CA TRP A 402 29.30 -38.36 -13.91
C TRP A 402 27.85 -38.75 -14.16
N ILE A 403 26.96 -37.76 -14.17
CA ILE A 403 25.58 -37.93 -14.60
C ILE A 403 25.23 -36.81 -15.57
N GLY A 404 24.01 -36.86 -16.11
CA GLY A 404 23.65 -36.06 -17.26
C GLY A 404 23.41 -34.58 -17.02
N LEU A 405 23.45 -34.13 -15.77
CA LEU A 405 23.16 -32.73 -15.49
C LEU A 405 24.38 -31.86 -15.79
N ASN A 406 24.11 -30.65 -16.27
CA ASN A 406 25.14 -29.72 -16.71
C ASN A 406 24.48 -28.39 -17.07
N ASP A 407 25.32 -27.37 -17.21
CA ASP A 407 24.89 -26.05 -17.65
C ASP A 407 25.80 -25.53 -18.76
N ILE A 408 26.22 -26.44 -19.65
CA ILE A 408 27.24 -26.12 -20.64
C ILE A 408 26.76 -25.02 -21.58
N LYS A 409 25.47 -25.02 -21.94
CA LYS A 409 24.96 -23.96 -22.81
C LYS A 409 24.89 -22.63 -22.06
N ILE A 410 24.25 -22.63 -20.89
CA ILE A 410 24.07 -21.41 -20.12
C ILE A 410 24.52 -21.67 -18.70
N GLN A 411 25.42 -20.83 -18.20
CA GLN A 411 25.85 -20.97 -16.82
C GLN A 411 24.70 -20.65 -15.88
N MET A 412 24.70 -21.30 -14.71
CA MET A 412 23.68 -21.17 -13.68
C MET A 412 22.32 -21.68 -14.14
N TYR A 413 22.26 -22.43 -15.24
CA TYR A 413 21.02 -23.02 -15.73
C TYR A 413 21.29 -24.48 -16.07
N PHE A 414 20.91 -25.38 -15.17
CA PHE A 414 21.18 -26.80 -15.32
C PHE A 414 20.08 -27.45 -16.17
N GLU A 415 20.50 -28.20 -17.19
CA GLU A 415 19.58 -29.03 -17.96
C GLU A 415 20.19 -30.41 -18.12
N TRP A 416 19.35 -31.37 -18.52
CA TRP A 416 19.86 -32.71 -18.77
C TRP A 416 20.41 -32.81 -20.19
N SER A 417 21.45 -33.63 -20.34
CA SER A 417 22.06 -33.82 -21.65
C SER A 417 21.06 -34.44 -22.64
N ASP A 418 20.22 -35.36 -22.17
CA ASP A 418 19.25 -36.00 -23.05
C ASP A 418 18.04 -35.12 -23.35
N GLY A 419 18.07 -33.85 -22.92
CA GLY A 419 17.01 -32.91 -23.20
C GLY A 419 15.71 -33.17 -22.48
N THR A 420 15.68 -34.08 -21.50
CA THR A 420 14.50 -34.22 -20.68
C THR A 420 14.42 -33.06 -19.68
N PRO A 421 13.21 -32.67 -19.27
CA PRO A 421 13.10 -31.54 -18.33
C PRO A 421 13.65 -31.90 -16.97
N VAL A 422 14.22 -30.89 -16.30
CA VAL A 422 14.74 -31.05 -14.94
C VAL A 422 13.57 -30.90 -13.99
N THR A 423 13.00 -32.03 -13.58
CA THR A 423 11.84 -32.07 -12.70
C THR A 423 12.20 -32.32 -11.25
N PHE A 424 13.50 -32.44 -10.94
CA PHE A 424 13.88 -33.05 -9.68
C PHE A 424 15.34 -32.74 -9.37
N THR A 425 15.60 -32.36 -8.13
CA THR A 425 16.94 -32.07 -7.65
C THR A 425 17.17 -32.75 -6.31
N LYS A 426 18.42 -33.20 -6.09
CA LYS A 426 18.83 -33.75 -4.79
C LYS A 426 20.34 -33.52 -4.65
N TRP A 427 20.72 -32.40 -4.05
CA TRP A 427 22.12 -32.04 -3.90
C TRP A 427 22.71 -32.67 -2.65
N LEU A 428 24.00 -33.04 -2.75
CA LEU A 428 24.79 -33.35 -1.57
C LEU A 428 24.89 -32.11 -0.69
N ARG A 429 25.14 -32.34 0.61
CA ARG A 429 25.33 -31.22 1.51
C ARG A 429 26.61 -30.49 1.14
N GLY A 430 26.61 -29.17 1.34
CA GLY A 430 27.67 -28.33 0.83
C GLY A 430 27.52 -27.91 -0.61
N GLU A 431 26.70 -28.61 -1.38
CA GLU A 431 26.52 -28.46 -2.82
C GLU A 431 25.18 -27.84 -3.16
N PRO A 432 25.06 -27.13 -4.30
CA PRO A 432 26.07 -26.90 -5.34
C PRO A 432 27.26 -26.02 -4.93
N SER A 433 28.47 -26.51 -5.26
CA SER A 433 29.77 -25.94 -4.90
C SER A 433 30.05 -24.53 -5.41
N HIS A 434 31.25 -24.33 -5.93
CA HIS A 434 31.71 -23.00 -6.37
C HIS A 434 31.44 -22.83 -7.86
N GLU A 435 30.35 -22.16 -8.19
CA GLU A 435 30.04 -21.84 -9.57
C GLU A 435 30.68 -20.52 -10.00
N ASN A 436 30.64 -19.51 -9.13
CA ASN A 436 31.32 -18.25 -9.41
C ASN A 436 32.82 -18.41 -9.51
N ASN A 437 33.35 -19.59 -9.19
CA ASN A 437 34.79 -19.86 -9.28
C ASN A 437 35.18 -20.56 -10.57
N ARG A 438 34.22 -20.87 -11.45
CA ARG A 438 34.52 -21.50 -12.73
C ARG A 438 33.59 -20.95 -13.80
N GLN A 439 33.71 -21.49 -15.01
CA GLN A 439 32.93 -21.04 -16.15
C GLN A 439 31.88 -22.05 -16.60
N GLU A 440 32.10 -23.35 -16.39
CA GLU A 440 31.15 -24.38 -16.79
C GLU A 440 31.00 -25.39 -15.68
N ASP A 441 29.76 -25.86 -15.46
CA ASP A 441 29.38 -26.60 -14.26
C ASP A 441 28.74 -27.93 -14.64
N CYS A 442 29.48 -29.01 -14.45
CA CYS A 442 28.94 -30.35 -14.64
C CYS A 442 28.63 -30.95 -13.27
N VAL A 443 27.97 -32.10 -13.27
CA VAL A 443 27.33 -32.65 -12.07
C VAL A 443 27.75 -34.10 -11.88
N VAL A 444 28.09 -34.47 -10.65
CA VAL A 444 28.53 -35.81 -10.32
C VAL A 444 27.58 -36.39 -9.28
N MET A 445 27.63 -37.71 -9.15
CA MET A 445 26.90 -38.44 -8.12
C MET A 445 27.91 -39.01 -7.13
N LYS A 446 27.71 -38.74 -5.84
CA LYS A 446 28.65 -39.18 -4.83
C LYS A 446 27.96 -39.22 -3.48
N GLY A 447 28.53 -40.01 -2.57
CA GLY A 447 27.97 -40.09 -1.23
C GLY A 447 27.13 -41.33 -1.03
N LYS A 448 27.10 -41.80 0.23
CA LYS A 448 26.30 -42.97 0.60
C LYS A 448 24.88 -42.90 0.06
N ASP A 449 24.28 -41.72 -0.01
CA ASP A 449 22.92 -41.54 -0.46
C ASP A 449 22.80 -41.28 -1.96
N GLY A 450 23.93 -41.18 -2.68
CA GLY A 450 23.86 -40.91 -4.10
C GLY A 450 23.46 -39.50 -4.46
N TYR A 451 23.72 -38.53 -3.59
CA TYR A 451 23.35 -37.15 -3.85
C TYR A 451 24.35 -36.49 -4.79
N TRP A 452 23.97 -35.33 -5.31
CA TRP A 452 24.67 -34.74 -6.45
C TRP A 452 25.59 -33.60 -6.00
N ALA A 453 26.65 -33.40 -6.78
CA ALA A 453 27.59 -32.31 -6.58
C ALA A 453 27.96 -31.72 -7.94
N ASP A 454 28.12 -30.41 -8.00
CA ASP A 454 28.57 -29.77 -9.23
C ASP A 454 30.05 -29.41 -9.15
N ARG A 455 30.70 -29.42 -10.31
CA ARG A 455 32.15 -29.30 -10.41
C ARG A 455 32.51 -28.93 -11.84
N GLY A 456 33.75 -28.47 -12.03
CA GLY A 456 34.25 -28.28 -13.37
C GLY A 456 34.14 -29.58 -14.16
N CYS A 457 33.85 -29.44 -15.45
CA CYS A 457 33.50 -30.55 -16.33
C CYS A 457 34.69 -31.31 -16.80
N GLU A 458 35.80 -30.62 -16.86
CA GLU A 458 37.09 -31.04 -17.42
C GLU A 458 38.00 -31.75 -16.44
N TRP A 459 37.37 -32.59 -15.61
CA TRP A 459 37.82 -33.57 -14.61
C TRP A 459 37.40 -34.96 -15.06
N PRO A 460 38.33 -35.92 -15.15
CA PRO A 460 37.97 -37.26 -15.65
C PRO A 460 37.52 -38.19 -14.54
N LEU A 461 36.30 -38.73 -14.65
CA LEU A 461 35.76 -39.60 -13.63
C LEU A 461 34.88 -40.66 -14.28
N GLY A 462 34.36 -41.56 -13.45
CA GLY A 462 33.40 -42.55 -13.91
C GLY A 462 32.06 -41.91 -14.18
N TYR A 463 31.15 -42.72 -14.72
CA TYR A 463 29.88 -42.18 -15.18
C TYR A 463 28.82 -43.27 -15.20
N ILE A 464 27.57 -42.83 -15.22
CA ILE A 464 26.41 -43.69 -15.37
C ILE A 464 25.66 -43.25 -16.63
N CYS A 465 25.16 -44.21 -17.40
CA CYS A 465 24.32 -43.86 -18.54
C CYS A 465 23.07 -44.71 -18.62
N LYS A 466 22.20 -44.23 -19.50
CA LYS A 466 20.78 -44.54 -19.55
C LYS A 466 20.37 -44.59 -21.02
N MET A 467 19.52 -45.56 -21.35
CA MET A 467 19.08 -45.77 -22.72
C MET A 467 17.60 -46.12 -22.68
N LYS A 468 16.98 -46.13 -23.85
CA LYS A 468 15.59 -46.53 -23.99
C LYS A 468 15.52 -47.82 -24.79
N SER A 469 14.46 -48.59 -24.57
CA SER A 469 14.28 -49.89 -25.21
C SER A 469 13.29 -49.79 -26.36
N THR B 1 -3.93 44.94 -1.01
CA THR B 1 -4.73 43.78 -1.38
C THR B 1 -5.06 42.93 -0.15
N ARG B 2 -4.14 42.92 0.82
CA ARG B 2 -4.33 42.15 2.04
C ARG B 2 -4.52 43.03 3.28
N GLN B 3 -3.96 44.22 3.29
CA GLN B 3 -4.33 45.20 4.31
C GLN B 3 -5.67 45.83 3.92
N PHE B 4 -6.36 46.37 4.92
CA PHE B 4 -7.67 46.97 4.69
C PHE B 4 -7.96 47.93 5.83
N LEU B 5 -9.04 48.71 5.66
CA LEU B 5 -9.45 49.70 6.64
C LEU B 5 -10.81 49.36 7.20
N ILE B 6 -10.89 49.24 8.53
CA ILE B 6 -12.13 48.86 9.19
C ILE B 6 -12.96 50.11 9.46
N TYR B 7 -14.26 50.06 9.13
CA TYR B 7 -15.05 51.30 9.10
C TYR B 7 -16.58 51.09 9.01
N ASN B 8 -17.36 51.96 9.66
CA ASN B 8 -18.81 51.81 9.79
C ASN B 8 -19.44 52.90 8.94
N GLU B 9 -20.19 52.55 7.89
CA GLU B 9 -20.86 53.58 7.08
C GLU B 9 -21.71 54.58 7.88
N ASP B 10 -22.42 54.15 8.93
CA ASP B 10 -23.36 55.14 9.47
C ASP B 10 -22.63 56.24 10.24
N HIS B 11 -21.64 55.90 11.07
CA HIS B 11 -20.95 56.95 11.80
C HIS B 11 -19.99 57.76 10.94
N LYS B 12 -19.57 57.19 9.81
CA LYS B 12 -18.50 57.71 8.97
C LYS B 12 -17.38 58.46 9.69
N ARG B 13 -16.69 57.77 10.60
CA ARG B 13 -15.41 58.19 11.16
C ARG B 13 -14.61 56.90 11.37
N CYS B 14 -13.37 56.86 10.86
CA CYS B 14 -12.67 55.59 10.63
C CYS B 14 -12.05 55.00 11.90
N VAL B 15 -11.83 53.69 11.90
CA VAL B 15 -11.28 53.03 13.08
C VAL B 15 -9.79 53.26 13.07
N ASP B 16 -9.24 53.66 14.22
CA ASP B 16 -7.84 54.01 14.31
C ASP B 16 -7.27 53.43 15.60
N ALA B 17 -5.98 53.12 15.56
CA ALA B 17 -5.26 52.65 16.74
C ALA B 17 -4.23 53.71 17.08
N VAL B 18 -4.30 54.26 18.29
CA VAL B 18 -3.38 55.31 18.71
C VAL B 18 -2.32 54.72 19.61
N SER B 19 -2.69 53.70 20.38
CA SER B 19 -1.80 53.12 21.38
C SER B 19 -2.35 51.75 21.77
N PRO B 20 -1.51 50.88 22.33
CA PRO B 20 -2.05 49.61 22.86
C PRO B 20 -3.09 49.82 23.94
N SER B 21 -3.03 50.94 24.65
CA SER B 21 -4.00 51.20 25.70
C SER B 21 -5.35 51.64 25.14
N ALA B 22 -5.37 52.31 23.99
CA ALA B 22 -6.61 52.85 23.46
C ALA B 22 -6.66 52.73 21.94
N VAL B 23 -7.74 52.15 21.40
CA VAL B 23 -7.98 52.11 19.96
C VAL B 23 -9.42 52.56 19.69
N GLN B 24 -9.58 53.68 18.99
CA GLN B 24 -10.91 54.06 18.56
C GLN B 24 -10.97 54.51 17.10
N THR B 25 -11.48 55.71 16.85
CA THR B 25 -11.71 56.18 15.51
C THR B 25 -11.14 57.57 15.28
N ALA B 26 -10.90 57.87 14.01
CA ALA B 26 -10.33 59.13 13.56
C ALA B 26 -10.83 59.40 12.15
N ALA B 27 -10.42 60.54 11.59
CA ALA B 27 -10.74 60.84 10.21
C ALA B 27 -9.97 59.92 9.27
N CYS B 28 -10.64 59.50 8.21
CA CYS B 28 -10.13 58.48 7.30
C CYS B 28 -8.97 59.02 6.48
N ASN B 29 -7.90 58.22 6.39
CA ASN B 29 -6.74 58.59 5.58
C ASN B 29 -6.01 57.28 5.28
N GLN B 30 -6.23 56.71 4.08
CA GLN B 30 -5.52 55.45 4.04
C GLN B 30 -4.10 55.62 3.52
N ASP B 31 -3.53 56.82 3.61
CA ASP B 31 -2.07 56.92 3.57
C ASP B 31 -1.51 56.98 4.98
N ALA B 32 -2.39 56.90 5.98
CA ALA B 32 -2.03 56.89 7.40
C ALA B 32 -2.05 55.44 7.90
N GLU B 33 -0.88 54.91 8.22
CA GLU B 33 -0.76 53.51 8.61
C GLU B 33 -1.47 53.19 9.92
N SER B 34 -1.55 54.16 10.83
CA SER B 34 -2.27 53.97 12.10
C SER B 34 -3.62 53.30 11.91
N GLN B 35 -4.40 53.76 10.94
CA GLN B 35 -5.77 53.26 10.78
C GLN B 35 -5.83 51.88 10.16
N LYS B 36 -4.82 51.44 9.40
CA LYS B 36 -4.94 50.20 8.64
C LYS B 36 -4.70 48.96 9.50
N PHE B 37 -5.43 47.90 9.16
CA PHE B 37 -5.41 46.60 9.83
C PHE B 37 -5.35 45.47 8.81
N ARG B 38 -5.25 44.24 9.31
CA ARG B 38 -5.00 43.08 8.47
C ARG B 38 -5.19 41.76 9.22
N TRP B 39 -5.94 40.82 8.63
CA TRP B 39 -6.13 39.51 9.25
C TRP B 39 -4.81 38.74 9.32
N VAL B 40 -4.68 37.91 10.35
CA VAL B 40 -3.42 37.20 10.60
C VAL B 40 -3.64 35.73 10.88
N SER B 41 -4.83 35.33 11.31
CA SER B 41 -5.20 33.94 11.48
C SER B 41 -6.61 33.80 10.93
N GLU B 42 -7.18 32.60 11.07
CA GLU B 42 -8.60 32.47 10.77
C GLU B 42 -9.44 33.36 11.67
N SER B 43 -8.92 33.76 12.83
CA SER B 43 -9.67 34.46 13.86
C SER B 43 -9.15 35.85 14.18
N GLN B 44 -7.83 36.03 14.21
CA GLN B 44 -7.23 37.27 14.71
C GLN B 44 -7.25 38.39 13.66
N ILE B 45 -7.25 39.62 14.17
CA ILE B 45 -7.23 40.83 13.35
C ILE B 45 -6.23 41.81 13.95
N MET B 46 -5.16 42.09 13.22
CA MET B 46 -4.06 42.89 13.72
C MET B 46 -4.00 44.24 13.01
N SER B 47 -3.50 45.24 13.72
CA SER B 47 -3.21 46.55 13.14
C SER B 47 -1.79 46.52 12.60
N VAL B 48 -1.64 46.84 11.31
CA VAL B 48 -0.31 46.90 10.72
C VAL B 48 0.53 47.98 11.39
N ALA B 49 -0.12 49.00 11.96
CA ALA B 49 0.61 50.11 12.56
C ALA B 49 1.47 49.64 13.74
N PHE B 50 0.85 48.93 14.69
CA PHE B 50 1.51 48.56 15.94
C PHE B 50 1.87 47.08 16.04
N LYS B 51 1.42 46.25 15.10
CA LYS B 51 1.65 44.80 15.14
C LYS B 51 1.15 44.18 16.44
N LEU B 52 -0.12 44.47 16.75
CA LEU B 52 -0.84 43.81 17.82
C LEU B 52 -2.29 43.64 17.37
N CYS B 53 -2.91 42.56 17.82
CA CYS B 53 -4.24 42.23 17.35
C CYS B 53 -5.30 42.78 18.31
N LEU B 54 -6.46 43.10 17.75
CA LEU B 54 -7.56 43.58 18.57
C LEU B 54 -8.08 42.43 19.44
N GLY B 55 -8.43 42.77 20.68
CA GLY B 55 -8.85 41.77 21.64
C GLY B 55 -9.57 42.44 22.77
N VAL B 56 -10.02 41.61 23.72
CA VAL B 56 -10.78 42.09 24.87
C VAL B 56 -10.18 41.46 26.12
N PRO B 57 -10.37 42.09 27.28
CA PRO B 57 -9.91 41.46 28.54
C PRO B 57 -10.79 40.30 28.92
N SER B 58 -12.04 40.33 28.51
CA SER B 58 -12.97 39.29 28.86
C SER B 58 -14.14 39.31 27.88
N LYS B 59 -14.84 38.20 27.84
CA LYS B 59 -16.05 38.04 27.04
C LYS B 59 -17.26 38.46 27.88
N THR B 60 -17.29 39.76 28.20
CA THR B 60 -18.33 40.48 28.93
C THR B 60 -18.71 41.74 28.17
N ASP B 61 -19.77 42.40 28.62
CA ASP B 61 -20.25 43.60 27.95
C ASP B 61 -19.50 44.84 28.43
N TRP B 62 -19.36 45.80 27.51
CA TRP B 62 -18.62 47.05 27.71
C TRP B 62 -17.27 46.81 28.37
N VAL B 63 -16.45 46.05 27.67
CA VAL B 63 -15.02 45.95 27.93
C VAL B 63 -14.31 46.62 26.76
N ALA B 64 -13.10 47.12 27.03
CA ALA B 64 -12.40 47.95 26.07
C ALA B 64 -11.77 47.06 25.00
N ILE B 65 -12.11 47.34 23.74
CA ILE B 65 -11.40 46.77 22.60
C ILE B 65 -10.04 47.45 22.52
N THR B 66 -8.96 46.68 22.73
CA THR B 66 -7.62 47.21 22.60
C THR B 66 -6.74 46.19 21.89
N LEU B 67 -5.47 46.54 21.74
CA LEU B 67 -4.50 45.71 21.05
C LEU B 67 -3.74 44.87 22.06
N TYR B 68 -3.70 43.57 21.82
CA TYR B 68 -2.97 42.63 22.67
C TYR B 68 -1.84 42.02 21.85
N ALA B 69 -0.83 41.52 22.55
CA ALA B 69 0.18 40.75 21.86
C ALA B 69 -0.49 39.52 21.26
N CYS B 70 -0.18 39.24 20.00
CA CYS B 70 -1.02 38.36 19.21
C CYS B 70 -0.69 36.92 19.55
N ASP B 71 -1.73 36.10 19.68
CA ASP B 71 -1.60 34.80 20.34
C ASP B 71 -2.58 33.83 19.68
N SER B 72 -2.04 32.78 19.05
CA SER B 72 -2.86 31.79 18.37
C SER B 72 -3.97 31.25 19.26
N LYS B 73 -3.70 31.05 20.55
CA LYS B 73 -4.61 30.31 21.41
C LYS B 73 -5.37 31.18 22.39
N SER B 74 -5.12 32.48 22.43
CA SER B 74 -5.93 33.37 23.26
C SER B 74 -7.30 33.56 22.62
N GLU B 75 -8.36 33.21 23.35
CA GLU B 75 -9.69 33.20 22.78
C GLU B 75 -10.42 34.51 23.01
N PHE B 76 -9.67 35.58 23.24
CA PHE B 76 -10.20 36.94 23.26
C PHE B 76 -9.77 37.76 22.06
N GLN B 77 -8.81 37.28 21.28
CA GLN B 77 -8.37 37.92 20.06
C GLN B 77 -9.05 37.35 18.81
N LYS B 78 -10.03 36.46 18.98
CA LYS B 78 -10.69 35.79 17.88
C LYS B 78 -11.99 36.50 17.51
N TRP B 79 -12.22 36.69 16.21
CA TRP B 79 -13.38 37.43 15.73
C TRP B 79 -14.05 36.68 14.59
N GLU B 80 -15.28 37.08 14.27
CA GLU B 80 -16.10 36.35 13.30
C GLU B 80 -17.18 37.25 12.74
N CYS B 81 -17.69 36.87 11.57
CA CYS B 81 -18.79 37.53 10.89
C CYS B 81 -20.05 36.68 10.96
N LYS B 82 -21.19 37.32 10.73
CA LYS B 82 -22.48 36.69 10.96
C LYS B 82 -23.19 36.36 9.64
N ASN B 83 -24.39 35.78 9.80
CA ASN B 83 -25.42 36.01 8.80
C ASN B 83 -25.36 37.47 8.39
N ASP B 84 -25.37 38.36 9.37
CA ASP B 84 -25.08 39.78 9.24
C ASP B 84 -23.67 40.13 8.76
N THR B 85 -23.42 41.43 8.65
CA THR B 85 -22.17 42.10 8.26
C THR B 85 -21.13 42.30 9.38
N LEU B 86 -21.35 41.83 10.60
CA LEU B 86 -20.50 42.21 11.73
C LEU B 86 -19.07 41.67 11.62
N LEU B 87 -18.15 42.23 12.42
CA LEU B 87 -17.11 41.36 12.98
C LEU B 87 -17.18 41.43 14.48
N GLY B 88 -17.46 40.32 15.12
CA GLY B 88 -17.45 40.24 16.56
C GLY B 88 -16.82 38.93 16.99
N ILE B 89 -16.74 38.75 18.30
CA ILE B 89 -16.11 37.58 18.92
C ILE B 89 -16.87 36.26 18.91
N LYS B 90 -15.98 35.26 18.84
CA LYS B 90 -16.22 33.85 18.69
C LYS B 90 -16.71 33.28 20.01
N GLY B 91 -17.61 32.32 19.89
CA GLY B 91 -18.21 31.57 20.98
C GLY B 91 -19.48 32.17 21.56
N GLU B 92 -19.48 33.49 21.78
CA GLU B 92 -20.68 34.21 22.17
C GLU B 92 -20.81 35.42 21.26
N ASP B 93 -22.00 35.61 20.69
CA ASP B 93 -22.22 36.64 19.67
C ASP B 93 -22.47 37.99 20.36
N LEU B 94 -21.37 38.59 20.81
CA LEU B 94 -21.36 39.94 21.37
C LEU B 94 -20.37 40.75 20.55
N PHE B 95 -20.69 42.02 20.32
CA PHE B 95 -20.25 42.70 19.11
C PHE B 95 -19.36 43.92 19.35
N PHE B 96 -18.37 44.07 18.46
CA PHE B 96 -17.74 45.36 18.15
C PHE B 96 -18.79 46.46 18.09
N ASN B 97 -18.58 47.53 18.87
CA ASN B 97 -19.49 48.67 18.83
C ASN B 97 -18.76 49.98 19.13
N TYR B 98 -19.31 51.07 18.58
CA TYR B 98 -18.88 52.44 18.87
C TYR B 98 -20.11 53.35 18.94
N GLY B 99 -20.07 54.31 19.85
CA GLY B 99 -21.21 55.22 20.08
C GLY B 99 -21.66 55.20 21.53
N ASN B 100 -22.99 55.08 21.72
CA ASN B 100 -23.63 54.84 23.02
C ASN B 100 -23.39 55.99 23.99
N ARG B 101 -22.81 55.67 25.15
CA ARG B 101 -22.65 56.63 26.25
C ARG B 101 -21.57 57.67 25.95
N GLN B 102 -21.18 57.78 24.67
CA GLN B 102 -20.29 58.85 24.19
C GLN B 102 -18.87 58.62 24.71
N GLU B 103 -18.39 57.39 24.58
CA GLU B 103 -17.04 57.02 24.94
C GLU B 103 -16.10 57.11 23.74
N LYS B 104 -14.88 57.61 23.99
CA LYS B 104 -13.84 57.60 22.97
C LYS B 104 -13.64 56.20 22.38
N ASN B 105 -13.27 55.24 23.21
CA ASN B 105 -12.76 53.95 22.76
C ASN B 105 -13.84 53.02 22.18
N ILE B 106 -13.45 52.22 21.18
CA ILE B 106 -14.27 51.10 20.76
C ILE B 106 -14.45 50.13 21.93
N MET B 107 -15.67 49.67 22.12
CA MET B 107 -15.94 48.67 23.15
C MET B 107 -16.86 47.61 22.56
N LEU B 108 -17.15 46.59 23.37
CA LEU B 108 -17.90 45.43 22.93
C LEU B 108 -19.30 45.52 23.52
N TYR B 109 -20.30 45.60 22.64
CA TYR B 109 -21.69 45.85 23.00
C TYR B 109 -22.56 44.90 22.18
N LYS B 110 -23.79 44.69 22.64
CA LYS B 110 -24.69 43.73 21.99
C LYS B 110 -25.73 44.36 21.10
N GLY B 111 -25.70 45.67 20.88
CA GLY B 111 -26.64 46.24 19.93
C GLY B 111 -26.14 45.95 18.53
N SER B 112 -26.95 45.22 17.75
CA SER B 112 -26.60 44.83 16.38
C SER B 112 -27.04 45.85 15.34
N GLY B 113 -26.97 47.12 15.68
CA GLY B 113 -27.39 48.16 14.76
C GLY B 113 -26.25 48.59 13.88
N LEU B 114 -26.54 49.59 13.04
CA LEU B 114 -25.53 50.07 12.10
C LEU B 114 -24.41 50.82 12.80
N TRP B 115 -24.53 51.07 14.10
CA TRP B 115 -23.45 51.64 14.88
C TRP B 115 -22.44 50.59 15.34
N SER B 116 -22.71 49.30 15.07
CA SER B 116 -21.89 48.19 15.54
C SER B 116 -21.24 47.39 14.43
N ARG B 117 -21.30 47.82 13.18
CA ARG B 117 -20.70 47.01 12.13
C ARG B 117 -19.83 47.86 11.21
N TRP B 118 -18.59 47.42 11.01
CA TRP B 118 -17.60 48.14 10.22
C TRP B 118 -17.30 47.34 8.96
N LYS B 119 -16.51 47.93 8.06
CA LYS B 119 -16.45 47.37 6.73
C LYS B 119 -15.34 48.03 5.92
N ILE B 120 -14.71 47.27 5.02
CA ILE B 120 -13.58 47.81 4.27
C ILE B 120 -14.08 48.98 3.45
N TYR B 121 -13.43 50.14 3.61
CA TYR B 121 -13.88 51.34 2.91
C TYR B 121 -13.73 51.14 1.40
N GLY B 122 -14.78 51.49 0.67
CA GLY B 122 -14.82 51.33 -0.77
C GLY B 122 -15.26 49.97 -1.25
N THR B 123 -15.87 49.17 -0.38
CA THR B 123 -16.30 47.82 -0.73
C THR B 123 -17.62 47.55 -0.02
N THR B 124 -18.13 46.32 -0.19
CA THR B 124 -19.36 45.86 0.47
C THR B 124 -19.28 44.38 0.83
N ASP B 125 -18.12 43.74 0.72
CA ASP B 125 -17.91 42.32 1.06
C ASP B 125 -17.25 42.27 2.43
N ASN B 126 -18.04 41.98 3.47
CA ASN B 126 -17.62 42.15 4.86
C ASN B 126 -16.24 41.55 5.13
N LEU B 127 -15.55 42.08 6.15
CA LEU B 127 -14.12 41.84 6.28
C LEU B 127 -13.76 40.38 6.50
N CYS B 128 -14.76 39.49 6.56
CA CYS B 128 -14.48 38.07 6.43
C CYS B 128 -14.36 37.64 4.98
N SER B 129 -14.26 38.62 4.06
CA SER B 129 -13.89 38.34 2.68
C SER B 129 -12.38 38.19 2.54
N ARG B 130 -11.62 39.21 2.95
CA ARG B 130 -10.17 39.13 3.00
C ARG B 130 -9.73 38.33 4.22
N GLY B 131 -10.29 37.13 4.39
CA GLY B 131 -10.15 36.38 5.63
C GLY B 131 -8.83 35.70 5.92
N TYR B 132 -7.72 36.26 5.43
CA TYR B 132 -6.38 35.70 5.60
C TYR B 132 -6.23 34.32 4.97
N GLU B 133 -5.15 34.12 4.22
CA GLU B 133 -4.82 32.81 3.67
C GLU B 133 -3.37 32.49 3.97
N ALA B 134 -3.12 31.28 4.46
CA ALA B 134 -1.76 30.86 4.77
C ALA B 134 -0.89 30.91 3.51
N MET B 135 0.27 31.52 3.63
CA MET B 135 1.16 31.77 2.50
C MET B 135 2.42 30.92 2.67
N TYR B 136 2.55 29.89 1.85
CA TYR B 136 3.65 28.96 1.95
C TYR B 136 4.91 29.55 1.31
N THR B 137 6.03 29.43 2.00
CA THR B 137 7.25 30.06 1.53
C THR B 137 7.88 29.25 0.41
N LEU B 138 8.79 29.90 -0.31
CA LEU B 138 9.56 29.28 -1.39
C LEU B 138 11.03 29.36 -1.02
N LEU B 139 11.76 28.28 -1.28
CA LEU B 139 13.20 28.21 -1.03
C LEU B 139 13.41 28.38 0.48
N GLY B 140 14.40 29.15 0.91
CA GLY B 140 14.61 29.41 2.32
C GLY B 140 15.01 28.16 3.09
N ASN B 141 15.29 28.38 4.37
CA ASN B 141 15.68 27.29 5.26
C ASN B 141 14.48 26.61 5.92
N ALA B 142 13.31 27.24 5.88
CA ALA B 142 12.14 26.74 6.61
C ALA B 142 11.38 25.65 5.86
N ASN B 143 11.92 25.14 4.76
CA ASN B 143 11.31 24.02 4.03
C ASN B 143 9.88 24.34 3.61
N GLY B 144 9.62 25.59 3.28
CA GLY B 144 8.32 25.96 2.81
C GLY B 144 7.27 26.12 3.89
N ALA B 145 7.69 26.37 5.12
CA ALA B 145 6.73 26.60 6.20
C ALA B 145 5.94 27.88 5.96
N THR B 146 4.74 27.93 6.51
CA THR B 146 3.89 29.09 6.31
C THR B 146 4.51 30.32 6.97
N CYS B 147 4.24 31.48 6.37
CA CYS B 147 4.71 32.75 6.93
C CYS B 147 4.05 32.98 8.28
N ALA B 148 4.79 33.60 9.20
CA ALA B 148 4.26 33.92 10.53
C ALA B 148 4.18 35.42 10.69
N PHE B 149 2.98 35.94 10.90
CA PHE B 149 2.82 37.37 11.12
C PHE B 149 2.28 37.66 12.50
N PRO B 150 2.81 38.68 13.20
CA PRO B 150 3.98 39.42 12.72
C PRO B 150 5.25 38.65 13.03
N PHE B 151 6.39 39.07 12.48
CA PHE B 151 7.65 38.46 12.82
C PHE B 151 8.67 39.54 13.14
N LYS B 152 9.61 39.19 14.00
CA LYS B 152 10.62 40.13 14.47
C LYS B 152 11.92 39.83 13.74
N PHE B 153 12.42 40.82 13.02
CA PHE B 153 13.69 40.72 12.31
C PHE B 153 14.50 41.95 12.65
N GLU B 154 15.68 41.75 13.24
CA GLU B 154 16.51 42.83 13.74
C GLU B 154 15.69 43.78 14.62
N ASN B 155 14.95 43.18 15.56
CA ASN B 155 14.24 43.88 16.64
C ASN B 155 13.17 44.84 16.12
N LYS B 156 12.61 44.55 14.95
CA LYS B 156 11.44 45.27 14.48
C LYS B 156 10.42 44.26 13.94
N TRP B 157 9.15 44.61 14.06
CA TRP B 157 8.07 43.72 13.66
C TRP B 157 7.55 44.12 12.29
N TYR B 158 7.36 43.13 11.41
CA TYR B 158 6.89 43.35 10.05
C TYR B 158 5.54 42.68 9.88
N ALA B 159 4.56 43.45 9.39
CA ALA B 159 3.18 43.00 9.32
C ALA B 159 2.83 42.24 8.05
N ASP B 160 3.67 42.32 7.01
CA ASP B 160 3.48 41.53 5.80
C ASP B 160 4.86 41.11 5.31
N CYS B 161 4.92 40.63 4.07
CA CYS B 161 6.19 40.21 3.52
C CYS B 161 7.04 41.45 3.30
N THR B 162 8.32 41.34 3.60
CA THR B 162 9.16 42.52 3.67
C THR B 162 10.38 42.40 2.78
N SER B 163 10.85 43.56 2.37
CA SER B 163 12.17 43.71 1.79
C SER B 163 13.00 44.60 2.72
N ALA B 164 13.27 44.11 3.93
CA ALA B 164 14.23 44.74 4.85
C ALA B 164 15.51 43.92 4.89
N GLY B 165 16.63 44.60 5.12
CA GLY B 165 17.91 43.93 5.07
C GLY B 165 18.25 43.51 3.65
N ARG B 166 18.05 44.39 2.66
CA ARG B 166 17.92 43.93 1.28
C ARG B 166 18.77 44.68 0.27
N SER B 167 19.36 43.92 -0.66
CA SER B 167 19.86 44.44 -1.93
C SER B 167 18.88 44.27 -3.09
N ASP B 168 18.23 43.10 -3.23
CA ASP B 168 17.57 42.74 -4.49
C ASP B 168 16.07 42.97 -4.54
N GLY B 169 15.42 43.30 -3.43
CA GLY B 169 14.00 43.60 -3.50
C GLY B 169 13.06 42.42 -3.72
N TRP B 170 13.51 41.19 -3.46
CA TRP B 170 12.58 40.08 -3.36
C TRP B 170 11.75 40.22 -2.07
N LEU B 171 10.69 39.42 -1.98
CA LEU B 171 9.80 39.44 -0.82
C LEU B 171 10.03 38.17 0.00
N TRP B 172 10.40 38.34 1.27
CA TRP B 172 10.65 37.22 2.16
C TRP B 172 9.90 37.44 3.46
N CYS B 173 9.87 36.40 4.30
CA CYS B 173 9.07 36.40 5.51
C CYS B 173 9.66 35.38 6.47
N GLY B 174 9.62 35.67 7.78
CA GLY B 174 9.85 34.63 8.76
C GLY B 174 8.67 33.68 8.84
N THR B 175 8.98 32.40 9.06
CA THR B 175 7.97 31.37 9.24
C THR B 175 7.66 31.11 10.71
N THR B 176 8.52 31.59 11.60
CA THR B 176 8.26 31.69 13.02
C THR B 176 8.09 33.16 13.37
N THR B 177 7.65 33.43 14.59
CA THR B 177 7.37 34.82 14.96
C THR B 177 8.59 35.57 15.47
N ASP B 178 9.62 34.87 15.93
CA ASP B 178 10.88 35.49 16.35
C ASP B 178 11.97 34.99 15.40
N TYR B 179 12.10 35.66 14.25
CA TYR B 179 13.11 35.26 13.29
C TYR B 179 14.51 35.42 13.85
N ASP B 180 14.72 36.43 14.70
CA ASP B 180 16.05 36.69 15.25
C ASP B 180 16.57 35.50 16.04
N THR B 181 15.67 34.70 16.63
CA THR B 181 16.07 33.54 17.41
C THR B 181 16.12 32.26 16.57
N ASP B 182 15.02 31.94 15.87
CA ASP B 182 14.90 30.66 15.19
C ASP B 182 15.55 30.64 13.80
N LYS B 183 15.70 31.80 13.17
CA LYS B 183 16.30 31.91 11.84
C LYS B 183 15.62 31.00 10.81
N LEU B 184 14.29 30.97 10.84
CA LEU B 184 13.51 30.28 9.83
C LEU B 184 12.83 31.29 8.92
N PHE B 185 13.06 31.16 7.62
CA PHE B 185 12.52 32.11 6.66
C PHE B 185 12.37 31.44 5.29
N GLY B 186 11.74 32.17 4.39
CA GLY B 186 11.56 31.75 3.02
C GLY B 186 11.08 32.96 2.22
N TYR B 187 10.89 32.75 0.93
CA TYR B 187 10.47 33.82 0.06
C TYR B 187 8.97 33.71 -0.20
N CYS B 188 8.33 34.86 -0.32
CA CYS B 188 6.88 34.79 -0.42
C CYS B 188 6.45 34.60 -1.87
N PRO B 189 5.37 33.84 -2.08
CA PRO B 189 4.83 33.67 -3.45
C PRO B 189 4.12 34.92 -3.94
N LEU B 190 4.87 36.02 -4.05
CA LEU B 190 4.36 37.27 -4.58
C LEU B 190 5.27 37.73 -5.71
N LYS B 191 4.85 38.80 -6.37
CA LYS B 191 5.55 39.28 -7.55
C LYS B 191 6.56 40.36 -7.15
N PHE B 192 7.76 40.24 -7.70
CA PHE B 192 8.87 41.13 -7.43
C PHE B 192 9.90 40.89 -8.52
N GLU B 193 10.88 41.78 -8.61
CA GLU B 193 11.86 41.61 -9.68
C GLU B 193 12.82 40.50 -9.30
N GLY B 194 12.84 39.45 -10.11
CA GLY B 194 13.38 38.16 -9.73
C GLY B 194 12.32 37.09 -9.50
N SER B 195 11.06 37.47 -9.27
CA SER B 195 9.99 36.50 -9.00
C SER B 195 10.03 35.33 -9.98
N GLU B 196 10.11 35.63 -11.27
CA GLU B 196 9.98 34.60 -12.28
C GLU B 196 11.26 33.80 -12.46
N SER B 197 12.39 34.26 -11.92
CA SER B 197 13.63 33.48 -11.94
C SER B 197 13.47 32.20 -11.13
N LEU B 198 12.31 31.99 -10.52
CA LEU B 198 11.99 30.78 -9.78
C LEU B 198 11.16 29.81 -10.59
N TRP B 199 10.87 30.14 -11.84
CA TRP B 199 10.27 29.21 -12.77
C TRP B 199 11.29 28.94 -13.87
N ASN B 200 11.21 27.75 -14.46
CA ASN B 200 11.92 27.48 -15.69
C ASN B 200 10.92 27.07 -16.76
N LYS B 201 11.18 27.52 -17.98
CA LYS B 201 10.24 27.42 -19.09
C LYS B 201 10.99 26.87 -20.29
N ASP B 202 10.69 25.64 -20.69
CA ASP B 202 11.34 25.11 -21.88
C ASP B 202 10.82 25.85 -23.12
N PRO B 203 11.71 26.18 -24.05
CA PRO B 203 11.31 27.02 -25.20
C PRO B 203 10.13 26.50 -26.02
N LEU B 204 9.84 25.21 -25.96
CA LEU B 204 8.83 24.62 -26.88
C LEU B 204 7.47 24.67 -26.33
N THR B 205 7.15 24.05 -25.20
CA THR B 205 5.87 24.14 -24.52
C THR B 205 5.39 25.59 -24.42
N SER B 206 6.19 26.44 -23.79
CA SER B 206 5.93 27.78 -23.25
C SER B 206 5.31 27.68 -21.85
N VAL B 207 4.85 26.50 -21.41
CA VAL B 207 4.49 26.32 -20.02
C VAL B 207 5.76 26.37 -19.17
N SER B 208 5.62 26.89 -17.96
CA SER B 208 6.74 26.98 -17.03
C SER B 208 6.51 26.08 -15.82
N TYR B 209 7.60 25.81 -15.11
CA TYR B 209 7.59 24.84 -14.02
C TYR B 209 8.37 25.39 -12.83
N GLN B 210 7.92 25.05 -11.63
CA GLN B 210 8.60 25.43 -10.41
C GLN B 210 8.94 24.17 -9.63
N ILE B 211 10.23 23.93 -9.40
CA ILE B 211 10.73 22.75 -8.72
C ILE B 211 11.19 23.17 -7.32
N ASN B 212 10.46 22.73 -6.30
CA ASN B 212 10.75 23.07 -4.91
C ASN B 212 11.35 21.84 -4.21
N SER B 213 12.65 21.64 -4.40
CA SER B 213 13.35 20.50 -3.83
C SER B 213 13.74 20.72 -2.38
N LYS B 214 13.92 21.97 -1.96
CA LYS B 214 14.31 22.29 -0.60
C LYS B 214 13.11 22.41 0.34
N SER B 215 11.88 22.38 -0.20
CA SER B 215 10.69 22.43 0.63
C SER B 215 10.28 21.02 1.04
N ALA B 216 9.34 20.94 2.00
CA ALA B 216 8.90 19.65 2.54
C ALA B 216 7.46 19.81 3.06
N LEU B 217 6.50 19.68 2.16
CA LEU B 217 5.10 19.87 2.50
C LEU B 217 4.32 18.59 2.22
N THR B 218 3.17 18.47 2.88
CA THR B 218 2.20 17.46 2.49
C THR B 218 1.72 17.72 1.07
N TRP B 219 1.08 16.71 0.49
CA TRP B 219 0.53 16.87 -0.87
C TRP B 219 -0.46 18.02 -0.94
N HIS B 220 -1.30 18.19 0.09
CA HIS B 220 -2.35 19.19 0.02
C HIS B 220 -1.81 20.60 0.23
N GLN B 221 -0.84 20.77 1.12
CA GLN B 221 -0.15 22.06 1.25
C GLN B 221 0.54 22.41 -0.05
N ALA B 222 1.27 21.45 -0.63
CA ALA B 222 1.89 21.65 -1.93
C ALA B 222 0.87 22.14 -2.95
N ARG B 223 -0.26 21.43 -3.05
CA ARG B 223 -1.27 21.78 -4.05
C ARG B 223 -1.71 23.22 -3.92
N LYS B 224 -1.96 23.70 -2.70
CA LYS B 224 -2.41 25.08 -2.56
C LYS B 224 -1.27 26.09 -2.71
N SER B 225 -0.02 25.67 -2.48
CA SER B 225 1.07 26.64 -2.56
C SER B 225 1.38 27.06 -3.98
N CYS B 226 0.79 26.39 -4.97
CA CYS B 226 0.86 26.82 -6.36
C CYS B 226 -0.45 27.43 -6.84
N GLN B 227 -1.58 27.09 -6.21
CA GLN B 227 -2.82 27.80 -6.50
C GLN B 227 -2.71 29.27 -6.13
N GLN B 228 -2.02 29.57 -5.03
CA GLN B 228 -1.78 30.97 -4.69
C GLN B 228 -0.80 31.63 -5.64
N GLN B 229 -0.10 30.85 -6.47
CA GLN B 229 0.72 31.38 -7.55
C GLN B 229 0.04 31.28 -8.91
N ASN B 230 -1.29 31.20 -8.93
CA ASN B 230 -2.05 30.98 -10.17
C ASN B 230 -1.51 29.79 -10.94
N ALA B 231 -1.24 28.71 -10.22
CA ALA B 231 -0.73 27.48 -10.82
C ALA B 231 -1.49 26.31 -10.21
N GLU B 232 -0.89 25.13 -10.26
CA GLU B 232 -1.47 23.88 -9.77
C GLU B 232 -0.35 22.85 -9.82
N LEU B 233 -0.57 21.72 -9.15
CA LEU B 233 0.45 20.67 -9.13
C LEU B 233 0.70 20.14 -10.53
N LEU B 234 1.93 19.68 -10.75
CA LEU B 234 2.37 19.28 -12.07
C LEU B 234 1.52 18.15 -12.64
N SER B 235 1.07 18.34 -13.88
CA SER B 235 0.44 17.28 -14.67
C SER B 235 1.37 16.95 -15.83
N ILE B 236 1.53 15.65 -16.11
CA ILE B 236 2.39 15.17 -17.19
C ILE B 236 1.47 14.52 -18.22
N THR B 237 1.23 15.21 -19.35
CA THR B 237 0.27 14.76 -20.33
C THR B 237 0.87 14.22 -21.62
N GLU B 238 2.13 14.55 -21.93
CA GLU B 238 2.76 14.07 -23.15
C GLU B 238 4.16 13.56 -22.86
N ILE B 239 4.67 12.74 -23.78
CA ILE B 239 6.00 12.15 -23.60
C ILE B 239 7.09 13.21 -23.55
N HIS B 240 6.92 14.31 -24.29
CA HIS B 240 7.91 15.39 -24.21
C HIS B 240 7.96 15.98 -22.81
N GLU B 241 6.79 16.13 -22.16
CA GLU B 241 6.76 16.75 -20.84
C GLU B 241 7.54 15.90 -19.84
N GLN B 242 7.32 14.59 -19.86
CA GLN B 242 8.10 13.71 -18.98
C GLN B 242 9.58 13.78 -19.31
N THR B 243 9.91 13.97 -20.59
CA THR B 243 11.31 14.07 -21.00
C THR B 243 11.96 15.36 -20.49
N TYR B 244 11.23 16.48 -20.56
CA TYR B 244 11.82 17.75 -20.13
C TYR B 244 12.04 17.78 -18.63
N LEU B 245 11.11 17.23 -17.85
CA LEU B 245 11.23 17.27 -16.40
C LEU B 245 12.21 16.23 -15.88
N THR B 246 12.46 15.17 -16.64
CA THR B 246 13.61 14.32 -16.33
C THR B 246 14.91 15.10 -16.45
N GLY B 247 14.98 16.04 -17.40
CA GLY B 247 16.18 16.83 -17.56
C GLY B 247 16.39 17.86 -16.46
N LEU B 248 15.31 18.47 -15.98
CA LEU B 248 15.44 19.47 -14.93
C LEU B 248 15.85 18.82 -13.61
N THR B 249 15.34 17.62 -13.35
CA THR B 249 15.60 16.89 -12.12
C THR B 249 16.78 15.92 -12.24
N SER B 250 17.58 16.04 -13.29
CA SER B 250 18.81 15.26 -13.45
C SER B 250 19.56 15.12 -12.13
N SER B 251 19.87 16.25 -11.50
CA SER B 251 20.74 16.26 -10.34
C SER B 251 19.98 16.08 -9.02
N LEU B 252 18.69 15.79 -9.06
CA LEU B 252 17.92 15.61 -7.84
C LEU B 252 17.69 14.14 -7.52
N THR B 253 17.32 13.88 -6.27
CA THR B 253 17.20 12.52 -5.75
C THR B 253 15.97 12.27 -4.89
N SER B 254 15.53 13.22 -4.08
CA SER B 254 14.40 13.00 -3.20
C SER B 254 13.08 13.29 -3.92
N GLY B 255 12.07 12.48 -3.62
CA GLY B 255 10.82 12.55 -4.37
C GLY B 255 10.16 13.91 -4.26
N LEU B 256 9.39 14.25 -5.30
CA LEU B 256 8.65 15.50 -5.36
C LEU B 256 7.19 15.21 -5.68
N TRP B 257 6.29 15.99 -5.10
CA TRP B 257 4.87 15.77 -5.28
C TRP B 257 4.45 16.21 -6.67
N ILE B 258 3.58 15.41 -7.31
CA ILE B 258 2.91 15.82 -8.55
C ILE B 258 1.40 15.71 -8.32
N GLY B 259 0.64 16.16 -9.32
CA GLY B 259 -0.79 16.33 -9.20
C GLY B 259 -1.67 15.11 -9.38
N LEU B 260 -1.12 13.92 -9.56
CA LEU B 260 -1.96 12.74 -9.76
C LEU B 260 -2.41 12.19 -8.42
N ASN B 261 -3.69 11.81 -8.34
CA ASN B 261 -4.27 11.49 -7.04
C ASN B 261 -5.43 10.52 -7.19
N SER B 262 -5.76 9.84 -6.09
CA SER B 262 -6.89 8.93 -6.01
C SER B 262 -7.86 9.36 -4.92
N LEU B 263 -7.98 10.67 -4.70
CA LEU B 263 -8.69 11.15 -3.52
C LEU B 263 -10.20 11.14 -3.68
N SER B 264 -10.72 11.17 -4.91
CA SER B 264 -12.14 10.95 -5.13
C SER B 264 -12.38 9.46 -5.23
N PHE B 265 -13.42 8.98 -4.58
CA PHE B 265 -13.49 7.55 -4.29
C PHE B 265 -14.09 6.73 -5.42
N ASN B 266 -14.99 7.29 -6.22
CA ASN B 266 -15.60 6.58 -7.33
C ASN B 266 -15.04 7.01 -8.69
N SER B 267 -13.77 7.43 -8.75
CA SER B 267 -13.18 7.99 -9.97
C SER B 267 -11.69 7.66 -9.99
N GLY B 268 -11.15 7.38 -11.17
CA GLY B 268 -9.80 6.87 -11.25
C GLY B 268 -8.66 7.83 -10.92
N TRP B 269 -7.46 7.49 -11.37
CA TRP B 269 -6.37 8.44 -11.22
C TRP B 269 -6.75 9.68 -12.00
N GLN B 270 -6.38 10.84 -11.47
CA GLN B 270 -6.80 12.07 -12.10
C GLN B 270 -5.78 13.14 -11.76
N TRP B 271 -5.56 14.03 -12.71
CA TRP B 271 -4.64 15.12 -12.48
C TRP B 271 -5.37 16.20 -11.69
N SER B 272 -4.66 16.82 -10.75
CA SER B 272 -5.31 17.82 -9.91
C SER B 272 -5.76 19.03 -10.74
N ASP B 273 -5.18 19.23 -11.92
CA ASP B 273 -5.62 20.29 -12.82
C ASP B 273 -6.61 19.79 -13.87
N ARG B 274 -7.23 18.63 -13.64
CA ARG B 274 -8.25 18.03 -14.50
C ARG B 274 -7.75 17.78 -15.94
N SER B 275 -6.45 17.84 -16.19
CA SER B 275 -5.95 17.31 -17.45
C SER B 275 -6.26 15.81 -17.52
N PRO B 276 -6.55 15.29 -18.71
CA PRO B 276 -6.84 13.85 -18.83
C PRO B 276 -5.62 13.01 -18.49
N PHE B 277 -5.83 11.98 -17.68
CA PHE B 277 -4.78 11.05 -17.31
C PHE B 277 -4.59 10.07 -18.47
N ARG B 278 -3.70 10.45 -19.39
CA ARG B 278 -3.48 9.70 -20.62
C ARG B 278 -2.10 9.08 -20.71
N TYR B 279 -1.10 9.65 -20.04
CA TYR B 279 0.27 9.16 -20.09
C TYR B 279 0.64 8.57 -18.74
N LEU B 280 1.16 7.35 -18.76
CA LEU B 280 1.59 6.67 -17.54
C LEU B 280 3.10 6.52 -17.53
N ASN B 281 3.65 6.38 -16.33
CA ASN B 281 5.09 6.26 -16.16
C ASN B 281 5.41 5.81 -14.74
N TRP B 282 4.78 4.71 -14.31
CA TRP B 282 4.90 4.23 -12.96
C TRP B 282 6.27 3.59 -12.70
N LEU B 283 6.65 3.57 -11.44
CA LEU B 283 7.79 2.77 -11.05
C LEU B 283 7.38 1.30 -10.96
N PRO B 284 8.32 0.38 -11.14
CA PRO B 284 8.01 -1.05 -10.95
C PRO B 284 7.61 -1.34 -9.51
N GLY B 285 6.42 -1.93 -9.36
CA GLY B 285 5.85 -2.17 -8.05
C GLY B 285 4.76 -1.20 -7.67
N SER B 286 4.66 -0.08 -8.37
CA SER B 286 3.66 0.95 -8.23
C SER B 286 2.78 1.01 -9.47
N PRO B 287 1.49 1.38 -9.34
CA PRO B 287 0.76 1.81 -8.13
C PRO B 287 0.50 0.69 -7.11
N SER B 288 1.04 0.85 -5.90
CA SER B 288 0.77 -0.11 -4.85
C SER B 288 -0.69 0.00 -4.42
N ALA B 289 -1.31 -1.15 -4.15
CA ALA B 289 -2.72 -1.20 -3.87
C ALA B 289 -3.09 -0.86 -2.42
N GLU B 290 -2.14 -0.38 -1.61
CA GLU B 290 -2.48 0.03 -0.25
C GLU B 290 -3.56 1.10 -0.29
N PRO B 291 -4.68 0.90 0.40
CA PRO B 291 -5.83 1.80 0.19
C PRO B 291 -5.60 3.23 0.64
N GLY B 292 -4.76 3.45 1.65
CA GLY B 292 -4.57 4.81 2.11
C GLY B 292 -3.60 5.62 1.29
N LYS B 293 -3.11 5.10 0.18
CA LYS B 293 -2.05 5.75 -0.59
C LYS B 293 -2.69 6.24 -1.87
N SER B 294 -2.67 7.54 -2.06
CA SER B 294 -3.49 8.19 -3.08
C SER B 294 -2.78 9.34 -3.74
N CYS B 295 -1.54 9.64 -3.37
CA CYS B 295 -0.82 10.78 -3.91
C CYS B 295 0.46 10.29 -4.55
N VAL B 296 0.74 10.79 -5.74
CA VAL B 296 1.83 10.32 -6.55
C VAL B 296 3.02 11.26 -6.38
N SER B 297 4.18 10.67 -6.18
CA SER B 297 5.45 11.38 -6.11
C SER B 297 6.27 11.05 -7.35
N LEU B 298 7.10 12.00 -7.77
CA LEU B 298 8.03 11.80 -8.87
C LEU B 298 9.42 11.62 -8.27
N ASN B 299 10.03 10.49 -8.54
CA ASN B 299 11.33 10.18 -7.95
C ASN B 299 12.42 10.61 -8.92
N PRO B 300 13.07 11.75 -8.69
CA PRO B 300 14.16 12.15 -9.60
C PRO B 300 15.36 11.24 -9.52
N GLY B 301 15.50 10.47 -8.44
CA GLY B 301 16.55 9.48 -8.32
C GLY B 301 16.25 8.18 -9.03
N LYS B 302 15.11 8.08 -9.69
CA LYS B 302 14.74 6.91 -10.48
C LYS B 302 14.13 7.37 -11.80
N ASN B 303 14.86 8.24 -12.49
CA ASN B 303 14.45 8.90 -13.74
C ASN B 303 12.96 9.27 -13.75
N ALA B 304 12.60 10.10 -12.77
CA ALA B 304 11.32 10.81 -12.76
C ALA B 304 10.11 9.91 -13.00
N LYS B 305 10.20 8.65 -12.56
CA LYS B 305 9.04 7.78 -12.64
C LYS B 305 8.28 7.82 -11.30
N TRP B 306 7.08 7.27 -11.30
CA TRP B 306 6.06 7.65 -10.33
C TRP B 306 5.78 6.53 -9.33
N GLU B 307 5.46 6.93 -8.10
CA GLU B 307 5.02 6.02 -7.04
C GLU B 307 3.95 6.72 -6.21
N ASN B 308 3.01 5.94 -5.68
CA ASN B 308 1.88 6.48 -4.94
C ASN B 308 2.18 6.41 -3.44
N LEU B 309 2.20 7.58 -2.79
CA LEU B 309 2.58 7.75 -1.40
C LEU B 309 1.43 8.34 -0.60
N GLU B 310 1.36 7.97 0.68
CA GLU B 310 0.31 8.50 1.55
C GLU B 310 0.48 10.01 1.67
N CYS B 311 -0.64 10.74 1.60
CA CYS B 311 -0.62 12.16 1.22
C CYS B 311 -0.22 13.13 2.33
N VAL B 312 0.12 12.68 3.53
CA VAL B 312 0.65 13.59 4.55
C VAL B 312 2.15 13.51 4.68
N GLN B 313 2.81 12.63 3.93
CA GLN B 313 4.26 12.60 3.92
C GLN B 313 4.79 13.91 3.35
N LYS B 314 5.96 14.33 3.82
CA LYS B 314 6.49 15.66 3.53
C LYS B 314 7.63 15.55 2.52
N LEU B 315 7.36 15.90 1.27
CA LEU B 315 8.35 15.91 0.20
C LEU B 315 8.34 17.29 -0.48
N GLY B 316 9.17 17.42 -1.51
CA GLY B 316 9.10 18.57 -2.38
C GLY B 316 7.90 18.48 -3.29
N TYR B 317 7.78 19.46 -4.17
CA TYR B 317 6.65 19.48 -5.10
C TYR B 317 7.01 20.28 -6.35
N ILE B 318 6.27 20.03 -7.42
CA ILE B 318 6.44 20.69 -8.70
C ILE B 318 5.11 21.31 -9.11
N CYS B 319 5.13 22.58 -9.50
CA CYS B 319 3.95 23.28 -9.97
C CYS B 319 4.08 23.61 -11.46
N LYS B 320 2.94 23.92 -12.08
CA LYS B 320 2.83 23.99 -13.53
C LYS B 320 1.88 25.12 -13.88
N LYS B 321 2.41 26.18 -14.48
CA LYS B 321 1.62 27.36 -14.85
C LYS B 321 1.30 27.38 -16.34
N THR B 339 -29.43 15.66 -39.02
CA THR B 339 -28.48 14.56 -38.98
C THR B 339 -29.20 13.22 -38.82
N HIS B 340 -29.17 12.42 -39.89
CA HIS B 340 -29.87 11.15 -40.00
C HIS B 340 -28.86 10.02 -39.87
N CYS B 341 -29.34 8.85 -39.48
CA CYS B 341 -28.43 7.73 -39.25
C CYS B 341 -29.09 6.45 -39.58
N PRO B 342 -28.38 5.35 -39.78
CA PRO B 342 -28.95 4.11 -40.28
C PRO B 342 -29.94 3.54 -39.27
N SER B 343 -30.71 2.56 -39.72
CA SER B 343 -31.64 1.95 -38.81
C SER B 343 -30.81 1.19 -37.79
N GLN B 344 -31.36 1.06 -36.58
CA GLN B 344 -30.68 0.52 -35.41
C GLN B 344 -29.88 1.61 -34.69
N TRP B 345 -29.19 2.48 -35.43
CA TRP B 345 -28.18 3.36 -34.85
C TRP B 345 -28.83 4.64 -34.31
N TRP B 346 -28.21 5.21 -33.27
CA TRP B 346 -28.79 6.35 -32.56
C TRP B 346 -27.82 7.52 -32.50
N PRO B 347 -28.33 8.75 -32.67
CA PRO B 347 -27.45 9.91 -32.84
C PRO B 347 -27.15 10.68 -31.57
N TYR B 348 -26.01 11.37 -31.59
CA TYR B 348 -25.68 12.39 -30.61
C TYR B 348 -24.50 13.23 -31.07
N ALA B 349 -24.70 14.56 -31.11
CA ALA B 349 -23.65 15.52 -31.48
C ALA B 349 -23.12 15.27 -32.88
N GLY B 350 -24.02 14.99 -33.82
CA GLY B 350 -23.65 14.80 -35.21
C GLY B 350 -23.02 13.47 -35.53
N HIS B 351 -22.83 12.61 -34.53
CA HIS B 351 -22.26 11.28 -34.70
C HIS B 351 -23.29 10.23 -34.27
N CYS B 352 -22.99 8.97 -34.56
CA CYS B 352 -23.92 7.89 -34.26
C CYS B 352 -23.23 6.74 -33.54
N TYR B 353 -23.95 6.10 -32.62
CA TYR B 353 -23.38 5.11 -31.73
C TYR B 353 -24.21 3.83 -31.72
N LYS B 354 -23.54 2.71 -31.40
CA LYS B 354 -24.24 1.44 -31.20
C LYS B 354 -23.43 0.55 -30.30
N ILE B 355 -24.09 -0.20 -29.42
CA ILE B 355 -23.41 -1.27 -28.70
C ILE B 355 -23.80 -2.58 -29.32
N HIS B 356 -22.83 -3.48 -29.43
CA HIS B 356 -23.04 -4.79 -30.05
C HIS B 356 -22.86 -5.86 -28.98
N ARG B 357 -23.84 -6.77 -28.89
CA ARG B 357 -23.69 -7.95 -28.06
C ARG B 357 -24.19 -9.21 -28.77
N ASP B 358 -24.59 -9.11 -30.04
CA ASP B 358 -24.98 -10.27 -30.82
C ASP B 358 -23.90 -11.35 -30.79
N GLU B 359 -22.70 -11.00 -31.24
CA GLU B 359 -21.52 -11.83 -31.08
C GLU B 359 -20.40 -11.02 -30.43
N LYS B 360 -19.79 -11.60 -29.40
CA LYS B 360 -18.67 -11.02 -28.68
C LYS B 360 -17.34 -11.41 -29.31
N LYS B 361 -16.48 -10.42 -29.56
CA LYS B 361 -15.19 -10.65 -30.19
C LYS B 361 -14.14 -9.82 -29.47
N ILE B 362 -12.87 -10.19 -29.69
CA ILE B 362 -11.73 -9.47 -29.12
C ILE B 362 -11.71 -8.04 -29.63
N GLN B 363 -10.81 -7.22 -29.06
CA GLN B 363 -10.78 -5.80 -29.41
C GLN B 363 -10.51 -5.59 -30.91
N ARG B 364 -9.56 -6.33 -31.47
CA ARG B 364 -9.18 -6.08 -32.85
C ARG B 364 -10.31 -6.46 -33.81
N ASP B 365 -10.96 -7.59 -33.58
CA ASP B 365 -12.08 -7.96 -34.43
C ASP B 365 -13.30 -7.08 -34.16
N ALA B 366 -13.39 -6.50 -32.96
CA ALA B 366 -14.41 -5.49 -32.72
C ALA B 366 -14.05 -4.20 -33.45
N LEU B 367 -12.75 -3.91 -33.53
CA LEU B 367 -12.30 -2.71 -34.24
C LEU B 367 -12.69 -2.75 -35.72
N THR B 368 -12.59 -3.93 -36.35
CA THR B 368 -12.87 -3.99 -37.78
C THR B 368 -14.35 -3.98 -38.06
N THR B 369 -15.15 -4.62 -37.19
CA THR B 369 -16.59 -4.70 -37.38
C THR B 369 -17.30 -3.38 -37.14
N CYS B 370 -16.57 -2.32 -36.73
CA CYS B 370 -17.13 -0.98 -36.75
C CYS B 370 -16.69 -0.18 -37.96
N ARG B 371 -15.59 -0.59 -38.59
CA ARG B 371 -15.16 -0.01 -39.85
C ARG B 371 -15.82 -0.67 -41.05
N LYS B 372 -16.09 -1.98 -40.97
CA LYS B 372 -16.96 -2.59 -41.97
C LYS B 372 -18.35 -1.96 -41.92
N GLU B 373 -18.78 -1.51 -40.75
CA GLU B 373 -20.05 -0.79 -40.60
C GLU B 373 -19.93 0.69 -40.91
N GLY B 374 -18.73 1.18 -41.23
CA GLY B 374 -18.58 2.57 -41.61
C GLY B 374 -18.19 3.50 -40.50
N GLY B 375 -17.48 3.00 -39.49
CA GLY B 375 -17.05 3.85 -38.41
C GLY B 375 -15.83 3.32 -37.69
N ASP B 376 -15.86 3.37 -36.36
CA ASP B 376 -14.71 3.00 -35.54
C ASP B 376 -15.19 2.79 -34.10
N LEU B 377 -14.34 2.17 -33.30
CA LEU B 377 -14.60 2.07 -31.87
C LEU B 377 -14.72 3.47 -31.28
N THR B 378 -15.68 3.65 -30.36
CA THR B 378 -16.05 4.99 -29.94
C THR B 378 -14.94 5.64 -29.13
N SER B 379 -14.73 6.92 -29.39
CA SER B 379 -13.91 7.80 -28.57
C SER B 379 -14.84 8.71 -27.78
N ILE B 380 -14.37 9.16 -26.63
CA ILE B 380 -15.16 10.05 -25.77
C ILE B 380 -14.28 11.25 -25.41
N HIS B 381 -14.77 12.45 -25.73
CA HIS B 381 -14.02 13.68 -25.50
C HIS B 381 -14.72 14.62 -24.53
N THR B 382 -15.97 14.37 -24.16
CA THR B 382 -16.73 15.26 -23.32
C THR B 382 -17.60 14.44 -22.37
N ILE B 383 -17.77 14.95 -21.14
CA ILE B 383 -18.58 14.24 -20.16
C ILE B 383 -20.04 14.14 -20.62
N GLU B 384 -20.53 15.16 -21.33
CA GLU B 384 -21.89 15.09 -21.88
C GLU B 384 -22.04 13.90 -22.82
N GLU B 385 -21.00 13.63 -23.62
CA GLU B 385 -21.03 12.46 -24.51
C GLU B 385 -21.07 11.17 -23.71
N LEU B 386 -20.22 11.06 -22.69
CA LEU B 386 -20.23 9.88 -21.81
C LEU B 386 -21.60 9.70 -21.17
N ASP B 387 -22.28 10.79 -20.83
CA ASP B 387 -23.60 10.67 -20.24
C ASP B 387 -24.61 10.11 -21.25
N PHE B 388 -24.49 10.52 -22.52
CA PHE B 388 -25.40 10.00 -23.54
C PHE B 388 -25.22 8.50 -23.73
N ILE B 389 -23.96 8.04 -23.76
CA ILE B 389 -23.70 6.63 -24.02
C ILE B 389 -24.39 5.76 -22.97
N ILE B 390 -24.34 6.17 -21.71
CA ILE B 390 -24.89 5.33 -20.66
C ILE B 390 -26.40 5.56 -20.49
N SER B 391 -26.90 6.76 -20.79
CA SER B 391 -28.31 7.05 -20.58
C SER B 391 -29.21 6.64 -21.74
N GLN B 392 -28.72 6.61 -22.97
CA GLN B 392 -29.60 6.56 -24.13
C GLN B 392 -29.34 5.39 -25.07
N LEU B 393 -28.44 4.47 -24.75
CA LEU B 393 -28.12 3.39 -25.67
C LEU B 393 -28.30 2.00 -25.06
N GLY B 394 -29.09 1.86 -24.01
CA GLY B 394 -29.29 0.55 -23.43
C GLY B 394 -28.08 -0.04 -22.74
N TYR B 395 -27.24 0.81 -22.14
CA TYR B 395 -26.08 0.35 -21.39
C TYR B 395 -26.50 0.02 -19.96
N GLU B 396 -25.94 -1.07 -19.43
CA GLU B 396 -26.35 -1.58 -18.13
C GLU B 396 -25.15 -1.79 -17.23
N PRO B 397 -25.34 -1.69 -15.91
CA PRO B 397 -24.18 -1.55 -15.00
C PRO B 397 -23.15 -2.69 -15.03
N ASN B 398 -23.53 -3.92 -15.40
CA ASN B 398 -22.54 -4.99 -15.48
C ASN B 398 -22.14 -5.28 -16.92
N ASP B 399 -21.91 -4.23 -17.71
CA ASP B 399 -21.46 -4.36 -19.08
C ASP B 399 -19.95 -4.16 -19.09
N GLU B 400 -19.30 -4.79 -20.05
CA GLU B 400 -17.88 -4.59 -20.29
C GLU B 400 -17.76 -4.38 -21.80
N LEU B 401 -17.70 -3.13 -22.21
CA LEU B 401 -17.82 -2.73 -23.61
C LEU B 401 -16.50 -2.16 -24.07
N TRP B 402 -16.00 -2.69 -25.18
CA TRP B 402 -14.81 -2.15 -25.80
C TRP B 402 -15.03 -0.70 -26.24
N ILE B 403 -14.04 0.14 -26.01
CA ILE B 403 -14.00 1.48 -26.57
C ILE B 403 -12.62 1.69 -27.20
N GLY B 404 -12.46 2.84 -27.85
CA GLY B 404 -11.34 3.07 -28.74
C GLY B 404 -10.00 3.34 -28.09
N LEU B 405 -9.93 3.47 -26.78
CA LEU B 405 -8.66 3.82 -26.16
C LEU B 405 -7.75 2.61 -26.12
N ASN B 406 -6.45 2.86 -26.28
CA ASN B 406 -5.45 1.80 -26.36
C ASN B 406 -4.07 2.45 -26.44
N ASP B 407 -3.05 1.62 -26.27
CA ASP B 407 -1.65 2.00 -26.39
C ASP B 407 -0.92 1.00 -27.28
N ILE B 408 -1.59 0.56 -28.36
CA ILE B 408 -1.09 -0.55 -29.18
C ILE B 408 0.24 -0.20 -29.82
N LYS B 409 0.39 1.04 -30.32
CA LYS B 409 1.68 1.43 -30.89
C LYS B 409 2.72 1.64 -29.80
N ILE B 410 2.38 2.42 -28.78
CA ILE B 410 3.31 2.75 -27.69
C ILE B 410 2.66 2.53 -26.33
N GLN B 411 3.38 1.80 -25.48
CA GLN B 411 2.95 1.53 -24.12
C GLN B 411 2.90 2.80 -23.29
N MET B 412 1.97 2.82 -22.33
CA MET B 412 1.76 3.90 -21.37
C MET B 412 1.35 5.21 -22.04
N TYR B 413 0.93 5.14 -23.30
CA TYR B 413 0.49 6.31 -24.07
C TYR B 413 -0.83 5.91 -24.73
N PHE B 414 -1.94 6.31 -24.12
CA PHE B 414 -3.25 5.91 -24.61
C PHE B 414 -3.71 6.86 -25.69
N GLU B 415 -4.13 6.30 -26.83
CA GLU B 415 -4.71 7.07 -27.91
C GLU B 415 -6.00 6.41 -28.36
N TRP B 416 -6.82 7.17 -29.09
CA TRP B 416 -8.05 6.66 -29.65
C TRP B 416 -7.78 5.97 -30.98
N SER B 417 -8.60 4.96 -31.29
CA SER B 417 -8.44 4.22 -32.54
C SER B 417 -8.66 5.14 -33.74
N ASP B 418 -9.64 6.03 -33.67
CA ASP B 418 -9.94 6.93 -34.77
C ASP B 418 -8.96 8.09 -34.87
N GLY B 419 -7.90 8.11 -34.07
CA GLY B 419 -6.93 9.17 -34.15
C GLY B 419 -7.41 10.53 -33.69
N THR B 420 -8.56 10.61 -33.04
CA THR B 420 -9.00 11.87 -32.45
C THR B 420 -8.19 12.16 -31.18
N PRO B 421 -8.03 13.43 -30.81
CA PRO B 421 -7.25 13.72 -29.61
C PRO B 421 -7.98 13.26 -28.36
N VAL B 422 -7.22 12.78 -27.38
CA VAL B 422 -7.77 12.35 -26.10
C VAL B 422 -7.84 13.61 -25.22
N THR B 423 -9.03 14.21 -25.15
CA THR B 423 -9.22 15.43 -24.38
C THR B 423 -9.81 15.18 -22.99
N PHE B 424 -10.13 13.92 -22.67
CA PHE B 424 -10.96 13.66 -21.49
C PHE B 424 -10.91 12.18 -21.13
N THR B 425 -10.68 11.89 -19.85
CA THR B 425 -10.66 10.52 -19.34
C THR B 425 -11.49 10.44 -18.08
N LYS B 426 -12.05 9.26 -17.83
CA LYS B 426 -12.80 8.99 -16.61
C LYS B 426 -12.62 7.51 -16.29
N TRP B 427 -11.61 7.23 -15.51
CA TRP B 427 -11.33 5.84 -15.19
C TRP B 427 -12.20 5.41 -14.01
N LEU B 428 -12.69 4.18 -14.09
CA LEU B 428 -12.99 3.47 -12.85
C LEU B 428 -11.65 3.33 -12.16
N ARG B 429 -11.63 3.18 -10.85
CA ARG B 429 -10.29 2.95 -10.33
C ARG B 429 -10.24 1.78 -9.38
N GLY B 430 -9.00 1.42 -9.10
CA GLY B 430 -8.45 0.17 -9.49
C GLY B 430 -7.87 0.21 -10.89
N GLU B 431 -8.29 1.19 -11.69
CA GLU B 431 -7.89 1.41 -13.07
C GLU B 431 -7.14 2.75 -13.24
N PRO B 432 -6.21 2.83 -14.20
CA PRO B 432 -5.88 1.72 -15.11
C PRO B 432 -5.13 0.57 -14.42
N SER B 433 -5.61 -0.66 -14.58
CA SER B 433 -5.00 -1.82 -13.95
C SER B 433 -3.55 -1.94 -14.40
N HIS B 434 -3.36 -2.35 -15.65
CA HIS B 434 -2.03 -2.52 -16.25
C HIS B 434 -1.18 -3.55 -15.50
N ASP B 441 -2.54 -3.82 -24.51
CA ASP B 441 -3.23 -3.09 -23.44
C ASP B 441 -4.38 -2.25 -24.03
N CYS B 442 -5.59 -2.81 -24.02
CA CYS B 442 -6.80 -2.16 -24.50
C CYS B 442 -7.64 -1.66 -23.34
N VAL B 443 -8.73 -0.96 -23.67
CA VAL B 443 -9.52 -0.21 -22.69
C VAL B 443 -11.00 -0.56 -22.86
N VAL B 444 -11.68 -0.80 -21.73
CA VAL B 444 -13.06 -1.23 -21.70
C VAL B 444 -13.90 -0.24 -20.90
N MET B 445 -15.21 -0.28 -21.12
CA MET B 445 -16.18 0.52 -20.37
C MET B 445 -17.02 -0.39 -19.48
N LYS B 446 -17.08 -0.08 -18.19
CA LYS B 446 -17.79 -0.92 -17.23
C LYS B 446 -18.18 -0.09 -16.02
N GLY B 447 -19.20 -0.56 -15.32
CA GLY B 447 -19.64 0.12 -14.11
C GLY B 447 -20.84 1.01 -14.33
N LYS B 448 -21.65 1.15 -13.27
CA LYS B 448 -22.85 1.98 -13.32
C LYS B 448 -22.60 3.38 -13.90
N ASP B 449 -21.42 3.94 -13.67
CA ASP B 449 -21.11 5.29 -14.12
C ASP B 449 -20.48 5.32 -15.50
N GLY B 450 -20.24 4.16 -16.11
CA GLY B 450 -19.64 4.11 -17.42
C GLY B 450 -18.18 4.49 -17.44
N TYR B 451 -17.49 4.37 -16.32
CA TYR B 451 -16.08 4.74 -16.25
C TYR B 451 -15.24 3.61 -16.82
N TRP B 452 -13.98 3.91 -17.11
CA TRP B 452 -13.20 3.04 -17.98
C TRP B 452 -12.20 2.20 -17.20
N ALA B 453 -11.86 1.04 -17.78
CA ALA B 453 -10.89 0.12 -17.25
C ALA B 453 -10.02 -0.37 -18.39
N ASP B 454 -8.73 -0.59 -18.12
CA ASP B 454 -7.84 -1.13 -19.13
C ASP B 454 -7.73 -2.64 -18.92
N ARG B 455 -7.45 -3.37 -20.01
CA ARG B 455 -7.64 -4.80 -20.01
C ARG B 455 -6.81 -5.44 -21.11
N GLY B 456 -6.53 -6.73 -20.94
CA GLY B 456 -5.93 -7.49 -22.02
C GLY B 456 -6.75 -7.42 -23.28
N CYS B 457 -6.05 -7.42 -24.43
CA CYS B 457 -6.71 -7.13 -25.69
C CYS B 457 -7.38 -8.34 -26.32
N GLU B 458 -6.84 -9.55 -26.13
CA GLU B 458 -7.43 -10.71 -26.82
C GLU B 458 -8.57 -11.32 -26.03
N TRP B 459 -9.44 -10.52 -25.39
CA TRP B 459 -10.46 -11.15 -24.58
C TRP B 459 -11.80 -10.75 -25.20
N PRO B 460 -12.74 -11.69 -25.43
CA PRO B 460 -13.94 -11.35 -26.22
C PRO B 460 -15.08 -10.71 -25.43
N LEU B 461 -15.52 -9.51 -25.84
CA LEU B 461 -16.59 -8.80 -25.17
C LEU B 461 -17.40 -8.00 -26.21
N GLY B 462 -18.43 -7.32 -25.71
CA GLY B 462 -19.17 -6.39 -26.53
C GLY B 462 -18.38 -5.12 -26.76
N TYR B 463 -18.93 -4.25 -27.61
CA TYR B 463 -18.20 -3.06 -28.02
C TYR B 463 -19.16 -1.96 -28.43
N ILE B 464 -18.66 -0.73 -28.40
CA ILE B 464 -19.38 0.46 -28.84
C ILE B 464 -18.62 1.02 -30.03
N CYS B 465 -19.35 1.53 -31.02
CA CYS B 465 -18.74 2.09 -32.21
C CYS B 465 -19.25 3.49 -32.47
N LYS B 466 -18.57 4.17 -33.39
CA LYS B 466 -18.62 5.62 -33.56
C LYS B 466 -18.65 5.87 -35.06
N MET B 467 -19.55 6.73 -35.50
CA MET B 467 -19.75 7.00 -36.91
C MET B 467 -20.07 8.48 -37.07
N LYS B 468 -19.97 8.99 -38.30
CA LYS B 468 -20.38 10.35 -38.58
C LYS B 468 -21.53 10.34 -39.58
N SER B 469 -22.32 11.41 -39.55
CA SER B 469 -23.51 11.52 -40.40
C SER B 469 -23.22 12.43 -41.60
#